data_5XTY
#
_entry.id   5XTY
#
_cell.length_a   92.056
_cell.length_b   92.056
_cell.length_c   212.309
_cell.angle_alpha   90.00
_cell.angle_beta   90.00
_cell.angle_gamma   120.00
#
_symmetry.space_group_name_H-M   'H 3'
#
loop_
_entity.id
_entity.type
_entity.pdbx_description
1 polymer '11S globulin isoform 1'
2 water water
#
_entity_poly.entity_id   1
_entity_poly.type   'polypeptide(L)'
_entity_poly.pdbx_seq_one_letter_code
;MASSSLLSFSLCLLLLCHLSQAQFGSSQESPFQSPRRSVSSRNECRIERLNALEPTRTVRSEAGVTDYFDEDNEQFRCAG
VSTIRRVIEPRGLLLPSMSNAPRLVYIVQGRGIVGLVMPGCPETFQSFQRSEREEGERHRWSRDEHQKVYQFQEGDVLAV
PNGFAYWCYNNGENPVVAITVLDTSNDANQLDRSHRQFLLAGRQEQGRQRYGREGSIKENILRGFSTELLAAAFGVNMEL
ARKLQCRDDTRGEIVRAENGLQVLRPSGMEEEEREEGRSINGFEETYCSMKIKQNIGDPRRADVFNPRGGRITTLNSEKL
PILRFIQMSAERVVLYRNAMVSPHWNINAHSIMYCTGGRGRVEVADDRGETVFDGELRQGQLLIVPQNFAMLERAGSAGF
QLVSIKTSDRAMVSTVVGKTSALRGMPVEVLMNSYRLSRDEARRVKLTRGDEVAIFTPRRESRAEA
;
_entity_poly.pdbx_strand_id   A,B
#
# COMPACT_ATOMS: atom_id res chain seq x y z
N CYS A 45 -7.01 -3.90 -35.21
CA CYS A 45 -7.74 -3.80 -33.95
C CYS A 45 -9.22 -3.93 -34.23
N ARG A 46 -9.54 -4.48 -35.40
CA ARG A 46 -10.90 -4.82 -35.79
C ARG A 46 -11.14 -6.33 -35.68
N ILE A 47 -10.52 -6.97 -34.68
CA ILE A 47 -10.46 -8.44 -34.66
C ILE A 47 -11.87 -9.02 -34.62
N GLU A 48 -11.98 -10.25 -35.13
CA GLU A 48 -13.27 -10.90 -35.29
C GLU A 48 -13.56 -11.96 -34.22
N ARG A 49 -12.53 -12.59 -33.64
CA ARG A 49 -12.73 -13.65 -32.67
C ARG A 49 -11.76 -13.49 -31.51
N LEU A 50 -12.21 -13.93 -30.34
CA LEU A 50 -11.36 -14.05 -29.17
C LEU A 50 -11.18 -15.52 -28.83
N ASN A 51 -9.96 -15.87 -28.46
CA ASN A 51 -9.67 -17.23 -28.07
C ASN A 51 -8.80 -17.22 -26.83
N ALA A 52 -8.98 -18.25 -26.00
CA ALA A 52 -8.08 -18.44 -24.88
C ALA A 52 -6.66 -18.56 -25.43
N LEU A 53 -5.75 -17.81 -24.83
CA LEU A 53 -4.41 -17.69 -25.39
C LEU A 53 -3.37 -18.14 -24.38
N GLU A 54 -2.31 -18.73 -24.90
CA GLU A 54 -1.37 -19.47 -24.08
C GLU A 54 0.05 -19.12 -24.50
N PRO A 55 1.00 -19.37 -23.62
CA PRO A 55 2.40 -19.20 -24.02
C PRO A 55 2.66 -20.00 -25.26
N THR A 56 2.65 -19.31 -26.39
CA THR A 56 3.02 -19.95 -27.64
C THR A 56 4.48 -20.40 -27.62
N ARG A 57 5.31 -19.73 -26.84
CA ARG A 57 6.75 -19.94 -26.84
C ARG A 57 7.25 -20.12 -25.42
N THR A 58 7.94 -21.22 -25.17
CA THR A 58 8.41 -21.49 -23.82
C THR A 58 9.89 -21.81 -23.83
N VAL A 59 10.56 -21.43 -22.75
CA VAL A 59 11.99 -21.66 -22.62
C VAL A 59 12.32 -21.85 -21.16
N ARG A 60 12.85 -23.03 -20.84
CA ARG A 60 13.44 -23.27 -19.55
C ARG A 60 14.82 -22.64 -19.51
N SER A 61 15.11 -21.87 -18.47
CA SER A 61 16.49 -21.44 -18.30
C SER A 61 17.28 -22.57 -17.69
N GLU A 62 17.95 -22.30 -16.58
CA GLU A 62 18.51 -23.37 -15.77
C GLU A 62 17.80 -23.51 -14.45
N ALA A 63 17.22 -22.42 -13.96
CA ALA A 63 16.47 -22.46 -12.72
C ALA A 63 15.03 -22.03 -12.94
N GLY A 64 14.48 -22.31 -14.10
CA GLY A 64 13.07 -22.05 -14.32
C GLY A 64 12.73 -21.90 -15.78
N VAL A 65 11.44 -21.73 -16.03
CA VAL A 65 10.93 -21.65 -17.40
C VAL A 65 10.31 -20.28 -17.61
N THR A 66 10.38 -19.83 -18.86
CA THR A 66 9.72 -18.62 -19.32
C THR A 66 8.67 -19.02 -20.33
N ASP A 67 7.44 -18.55 -20.14
CA ASP A 67 6.34 -18.99 -20.98
C ASP A 67 5.81 -17.78 -21.72
N TYR A 68 6.23 -17.68 -22.98
CA TYR A 68 6.01 -16.48 -23.76
C TYR A 68 4.67 -16.61 -24.49
N PHE A 69 3.74 -15.75 -24.16
CA PHE A 69 2.64 -15.49 -25.07
C PHE A 69 3.15 -14.66 -26.24
N ASP A 70 2.51 -14.86 -27.39
CA ASP A 70 2.96 -14.22 -28.62
C ASP A 70 3.01 -12.70 -28.49
N GLU A 71 3.82 -12.08 -29.35
CA GLU A 71 3.88 -10.63 -29.36
C GLU A 71 2.94 -10.11 -30.43
N ASP A 72 3.30 -10.34 -31.69
CA ASP A 72 2.53 -9.87 -32.82
C ASP A 72 1.14 -10.48 -32.88
N ASN A 73 0.71 -11.12 -31.81
CA ASN A 73 -0.63 -11.66 -31.79
C ASN A 73 -1.63 -10.54 -31.94
N GLU A 74 -2.42 -10.62 -33.01
CA GLU A 74 -3.58 -9.76 -33.25
C GLU A 74 -4.15 -9.14 -31.98
N GLN A 75 -4.72 -9.96 -31.12
CA GLN A 75 -5.14 -9.54 -29.79
C GLN A 75 -4.06 -8.70 -29.14
N PHE A 76 -2.96 -9.36 -28.76
CA PHE A 76 -1.86 -8.69 -28.08
C PHE A 76 -1.49 -7.41 -28.82
N ARG A 77 -1.36 -7.51 -30.13
CA ARG A 77 -1.08 -6.36 -30.96
C ARG A 77 -2.06 -5.24 -30.60
N CYS A 78 -3.29 -5.35 -31.09
CA CYS A 78 -4.31 -4.36 -30.74
C CYS A 78 -4.41 -4.17 -29.25
N ALA A 79 -4.06 -5.17 -28.46
CA ALA A 79 -3.98 -4.94 -27.03
C ALA A 79 -2.86 -3.96 -26.69
N GLY A 80 -1.78 -3.96 -27.47
CA GLY A 80 -0.66 -3.11 -27.17
C GLY A 80 0.07 -3.51 -25.91
N VAL A 81 0.16 -4.81 -25.64
CA VAL A 81 0.90 -5.31 -24.49
C VAL A 81 1.74 -6.47 -24.95
N SER A 82 2.71 -6.81 -24.11
CA SER A 82 3.40 -8.09 -24.17
C SER A 82 3.29 -8.73 -22.79
N THR A 83 3.34 -10.06 -22.76
CA THR A 83 3.28 -10.74 -21.48
C THR A 83 4.00 -12.08 -21.53
N ILE A 84 4.08 -12.69 -20.34
CA ILE A 84 5.03 -13.72 -20.01
C ILE A 84 4.55 -14.43 -18.76
N ARG A 85 4.69 -15.74 -18.73
CA ARG A 85 4.74 -16.45 -17.47
C ARG A 85 6.15 -16.95 -17.22
N ARG A 86 6.67 -16.66 -16.04
CA ARG A 86 7.99 -17.11 -15.64
C ARG A 86 7.86 -18.03 -14.44
N VAL A 87 8.74 -19.03 -14.36
CA VAL A 87 8.77 -19.93 -13.21
C VAL A 87 10.20 -20.03 -12.70
N ILE A 88 10.34 -20.18 -11.38
CA ILE A 88 11.64 -20.16 -10.70
C ILE A 88 11.64 -21.23 -9.62
N GLU A 89 12.50 -22.24 -9.77
CA GLU A 89 12.73 -23.24 -8.73
C GLU A 89 13.12 -22.54 -7.44
N PRO A 90 13.15 -23.23 -6.30
CA PRO A 90 13.79 -22.64 -5.14
C PRO A 90 15.26 -22.38 -5.47
N ARG A 91 15.87 -21.47 -4.70
CA ARG A 91 17.23 -20.99 -4.98
C ARG A 91 17.36 -20.29 -6.32
N GLY A 92 16.36 -20.41 -7.20
CA GLY A 92 16.49 -19.87 -8.54
C GLY A 92 16.51 -18.36 -8.57
N LEU A 93 17.20 -17.81 -9.56
CA LEU A 93 17.52 -16.39 -9.59
C LEU A 93 17.34 -15.81 -10.97
N LEU A 94 16.40 -14.89 -11.10
CA LEU A 94 16.16 -14.22 -12.37
C LEU A 94 17.23 -13.18 -12.66
N LEU A 95 17.69 -13.16 -13.90
CA LEU A 95 18.78 -12.27 -14.27
C LEU A 95 18.39 -10.80 -14.08
N PRO A 96 19.35 -9.97 -13.68
CA PRO A 96 19.15 -8.53 -13.82
C PRO A 96 18.92 -8.19 -15.27
N SER A 97 17.93 -7.35 -15.50
CA SER A 97 17.61 -6.86 -16.82
C SER A 97 16.59 -5.76 -16.63
N MET A 98 16.73 -4.71 -17.40
CA MET A 98 15.72 -3.67 -17.46
C MET A 98 14.94 -3.86 -18.73
N SER A 99 13.65 -3.63 -18.65
CA SER A 99 12.77 -3.86 -19.78
C SER A 99 12.30 -2.53 -20.35
N ASN A 100 12.10 -2.56 -21.66
CA ASN A 100 11.55 -1.41 -22.36
C ASN A 100 10.21 -1.01 -21.76
N ALA A 101 9.49 -1.96 -21.16
CA ALA A 101 8.10 -1.75 -20.81
C ALA A 101 7.91 -1.72 -19.30
N PRO A 102 6.85 -1.07 -18.83
CA PRO A 102 6.56 -1.08 -17.39
C PRO A 102 6.09 -2.43 -16.92
N ARG A 103 7.02 -3.18 -16.36
CA ARG A 103 6.68 -4.48 -15.82
C ARG A 103 5.74 -4.28 -14.65
N LEU A 104 4.50 -4.66 -14.83
CA LEU A 104 3.63 -4.98 -13.73
C LEU A 104 3.69 -6.49 -13.61
N VAL A 105 3.97 -6.98 -12.41
CA VAL A 105 4.22 -8.40 -12.20
C VAL A 105 3.34 -8.92 -11.08
N TYR A 106 2.81 -10.12 -11.27
CA TYR A 106 1.92 -10.77 -10.31
C TYR A 106 2.55 -12.05 -9.81
N ILE A 107 2.79 -12.12 -8.50
CA ILE A 107 3.33 -13.33 -7.92
C ILE A 107 2.15 -14.20 -7.51
N VAL A 108 1.84 -15.15 -8.38
CA VAL A 108 0.85 -16.17 -8.11
C VAL A 108 1.32 -17.04 -6.96
N GLN A 109 2.35 -17.85 -7.20
CA GLN A 109 2.84 -18.83 -6.23
C GLN A 109 4.22 -18.44 -5.71
N GLY A 110 4.54 -18.90 -4.51
CA GLY A 110 5.87 -18.80 -3.94
C GLY A 110 6.10 -17.49 -3.24
N ARG A 111 7.24 -17.40 -2.56
CA ARG A 111 7.70 -16.19 -1.90
C ARG A 111 9.14 -15.92 -2.32
N GLY A 112 9.68 -14.80 -1.86
CA GLY A 112 11.07 -14.54 -2.14
C GLY A 112 11.48 -13.10 -2.01
N ILE A 113 12.38 -12.68 -2.89
CA ILE A 113 12.84 -11.29 -2.95
C ILE A 113 12.70 -10.83 -4.38
N VAL A 114 12.48 -9.54 -4.55
CA VAL A 114 12.79 -8.91 -5.82
C VAL A 114 13.55 -7.64 -5.50
N GLY A 115 14.65 -7.43 -6.19
CA GLY A 115 15.41 -6.24 -5.90
C GLY A 115 15.31 -5.27 -7.04
N LEU A 116 14.65 -4.15 -6.78
CA LEU A 116 14.64 -3.04 -7.70
C LEU A 116 15.50 -1.95 -7.09
N VAL A 117 16.21 -1.27 -7.96
CA VAL A 117 17.15 -0.26 -7.53
C VAL A 117 16.83 1.03 -8.27
N MET A 118 16.85 2.13 -7.55
CA MET A 118 16.45 3.39 -8.12
C MET A 118 17.67 4.29 -8.26
N PRO A 119 18.44 4.16 -9.34
CA PRO A 119 19.78 4.78 -9.38
C PRO A 119 19.70 6.29 -9.23
N GLY A 120 20.64 6.83 -8.49
CA GLY A 120 20.49 8.13 -7.92
C GLY A 120 19.95 8.10 -6.51
N CYS A 121 19.25 7.04 -6.13
CA CYS A 121 18.91 6.92 -4.73
C CYS A 121 20.01 6.17 -3.99
N PRO A 122 20.38 6.66 -2.82
CA PRO A 122 21.51 6.06 -2.08
C PRO A 122 21.14 4.68 -1.58
N GLU A 123 22.01 3.71 -1.88
CA GLU A 123 21.84 2.38 -1.33
C GLU A 123 21.63 2.47 0.16
N THR A 124 20.53 1.88 0.65
CA THR A 124 20.13 2.02 2.04
C THR A 124 20.26 0.75 2.86
N PHE A 125 20.53 -0.38 2.23
CA PHE A 125 20.66 -1.61 2.99
C PHE A 125 22.12 -2.00 3.17
N ARG A 140 33.36 -3.98 11.26
CA ARG A 140 32.77 -4.74 10.17
C ARG A 140 33.23 -6.20 10.21
N TRP A 141 32.31 -7.12 9.90
CA TRP A 141 32.62 -8.54 9.86
C TRP A 141 32.39 -9.15 8.49
N SER A 142 31.16 -9.14 7.96
CA SER A 142 30.92 -9.89 6.74
C SER A 142 29.60 -9.54 6.03
N ARG A 143 29.56 -8.43 5.30
CA ARG A 143 28.46 -8.11 4.38
C ARG A 143 28.77 -6.81 3.65
N ASP A 144 28.03 -6.58 2.56
CA ASP A 144 28.25 -5.46 1.66
C ASP A 144 27.20 -4.38 1.80
N GLU A 145 26.74 -3.86 0.67
CA GLU A 145 25.68 -2.87 0.67
C GLU A 145 25.17 -2.72 -0.75
N HIS A 146 23.97 -2.14 -0.85
CA HIS A 146 23.17 -2.21 -2.05
C HIS A 146 21.83 -1.56 -1.77
N GLN A 147 20.96 -1.51 -2.76
CA GLN A 147 19.71 -0.84 -2.49
C GLN A 147 18.73 -1.79 -1.84
N LYS A 148 17.74 -1.20 -1.20
CA LYS A 148 16.70 -1.96 -0.55
C LYS A 148 16.11 -2.98 -1.51
N VAL A 149 15.72 -4.12 -0.97
CA VAL A 149 15.21 -5.20 -1.78
C VAL A 149 13.82 -5.53 -1.29
N TYR A 150 13.05 -6.23 -2.12
CA TYR A 150 11.61 -6.34 -1.92
C TYR A 150 11.20 -7.80 -1.85
N GLN A 151 10.48 -8.13 -0.77
CA GLN A 151 10.13 -9.50 -0.39
C GLN A 151 8.70 -9.81 -0.78
N PHE A 152 8.52 -10.52 -1.87
CA PHE A 152 7.18 -10.73 -2.38
C PHE A 152 6.55 -11.98 -1.80
N GLN A 153 5.24 -12.13 -2.05
CA GLN A 153 4.48 -13.30 -1.64
C GLN A 153 3.44 -13.59 -2.72
N GLU A 154 2.74 -14.69 -2.55
CA GLU A 154 1.65 -15.04 -3.45
C GLU A 154 0.64 -13.90 -3.49
N GLY A 155 0.10 -13.64 -4.68
CA GLY A 155 -0.90 -12.60 -4.80
C GLY A 155 -0.36 -11.18 -4.69
N ASP A 156 0.95 -11.02 -4.67
CA ASP A 156 1.55 -9.70 -4.71
C ASP A 156 1.48 -9.16 -6.12
N VAL A 157 1.37 -7.85 -6.21
CA VAL A 157 1.56 -7.13 -7.45
C VAL A 157 2.88 -6.39 -7.36
N LEU A 158 3.66 -6.44 -8.42
CA LEU A 158 4.98 -5.82 -8.45
C LEU A 158 5.05 -4.83 -9.59
N ALA A 159 5.46 -3.60 -9.29
CA ALA A 159 5.53 -2.54 -10.29
C ALA A 159 6.97 -2.27 -10.69
N VAL A 160 7.33 -2.63 -11.92
CA VAL A 160 8.67 -2.34 -12.39
C VAL A 160 8.61 -1.48 -13.64
N PRO A 161 9.10 -0.28 -13.57
CA PRO A 161 9.01 0.63 -14.71
C PRO A 161 9.83 0.20 -15.90
N ASN A 162 10.18 1.19 -16.70
CA ASN A 162 10.97 0.99 -17.91
C ASN A 162 12.38 1.47 -17.67
N GLY A 163 13.33 0.76 -18.26
CA GLY A 163 14.71 1.04 -17.96
C GLY A 163 14.98 0.90 -16.48
N PHE A 164 14.04 0.29 -15.77
CA PHE A 164 14.25 -0.05 -14.38
C PHE A 164 14.68 -1.49 -14.30
N ALA A 165 15.52 -1.77 -13.32
CA ALA A 165 16.16 -3.07 -13.17
C ALA A 165 15.57 -3.83 -12.00
N TYR A 166 15.52 -5.14 -12.14
CA TYR A 166 14.89 -5.95 -11.12
C TYR A 166 15.49 -7.34 -11.21
N TRP A 167 15.97 -7.84 -10.09
CA TRP A 167 16.39 -9.22 -10.01
C TRP A 167 15.45 -9.94 -9.08
N CYS A 168 15.30 -11.23 -9.31
CA CYS A 168 14.28 -11.98 -8.62
C CYS A 168 14.84 -13.32 -8.16
N TYR A 169 14.62 -13.67 -6.89
CA TYR A 169 15.22 -14.85 -6.30
C TYR A 169 14.23 -15.62 -5.43
N ASN A 170 14.24 -16.95 -5.56
CA ASN A 170 13.31 -17.84 -4.86
C ASN A 170 13.91 -18.36 -3.56
N ASN A 171 13.58 -17.70 -2.46
CA ASN A 171 14.28 -17.85 -1.20
C ASN A 171 13.72 -18.95 -0.32
N GLY A 172 13.09 -19.97 -0.90
CA GLY A 172 12.67 -21.08 -0.09
C GLY A 172 11.50 -21.79 -0.73
N GLU A 173 10.71 -22.43 0.12
CA GLU A 173 9.46 -23.06 -0.28
C GLU A 173 9.49 -23.74 -1.63
N ASN A 174 8.35 -23.66 -2.28
CA ASN A 174 8.11 -24.23 -3.59
C ASN A 174 8.64 -23.29 -4.64
N PRO A 175 8.63 -23.71 -5.86
CA PRO A 175 8.81 -22.78 -6.98
C PRO A 175 8.03 -21.48 -6.87
N VAL A 176 8.41 -20.50 -7.67
CA VAL A 176 7.69 -19.24 -7.80
C VAL A 176 7.29 -19.06 -9.26
N VAL A 177 6.04 -18.64 -9.48
CA VAL A 177 5.53 -18.33 -10.81
C VAL A 177 4.93 -16.95 -10.75
N ALA A 178 5.43 -16.05 -11.58
CA ALA A 178 4.84 -14.74 -11.76
C ALA A 178 4.47 -14.58 -13.22
N ILE A 179 3.27 -14.19 -13.46
CA ILE A 179 2.88 -13.79 -14.79
C ILE A 179 3.09 -12.30 -14.89
N THR A 180 3.63 -11.86 -16.00
CA THR A 180 4.05 -10.49 -16.12
C THR A 180 3.22 -9.83 -17.21
N VAL A 181 3.00 -8.53 -17.08
CA VAL A 181 2.40 -7.75 -18.15
C VAL A 181 3.28 -6.56 -18.44
N LEU A 182 3.65 -6.40 -19.69
CA LEU A 182 4.51 -5.31 -20.10
C LEU A 182 3.74 -4.46 -21.09
N ASP A 183 3.55 -3.20 -20.74
CA ASP A 183 2.96 -2.22 -21.62
C ASP A 183 4.00 -1.85 -22.65
N THR A 184 3.90 -2.39 -23.85
CA THR A 184 4.83 -2.06 -24.91
C THR A 184 4.37 -0.90 -25.79
N SER A 185 3.39 -0.12 -25.33
CA SER A 185 2.94 1.04 -26.10
C SER A 185 2.66 2.23 -25.20
N ASN A 186 3.14 2.18 -23.96
CA ASN A 186 3.02 3.26 -23.01
C ASN A 186 3.51 4.56 -23.61
N ASP A 187 3.14 5.70 -23.02
CA ASP A 187 3.80 6.95 -23.34
C ASP A 187 5.28 6.85 -23.05
N ALA A 188 5.66 6.06 -22.07
CA ALA A 188 7.08 5.92 -21.80
C ALA A 188 7.75 5.01 -22.80
N ASN A 189 7.02 4.11 -23.42
CA ASN A 189 7.66 3.21 -24.37
C ASN A 189 8.08 4.01 -25.58
N GLN A 190 9.24 4.63 -25.47
CA GLN A 190 9.85 5.13 -26.67
C GLN A 190 10.44 3.96 -27.42
N LEU A 191 10.86 4.21 -28.66
CA LEU A 191 11.24 3.15 -29.58
C LEU A 191 9.98 2.47 -30.10
N ASP A 192 10.04 1.18 -30.36
CA ASP A 192 8.92 0.50 -30.99
C ASP A 192 8.15 -0.32 -29.95
N ARG A 193 7.25 -1.18 -30.43
CA ARG A 193 6.16 -1.71 -29.62
C ARG A 193 6.39 -3.16 -29.21
N SER A 194 7.64 -3.61 -29.18
CA SER A 194 7.95 -4.96 -28.76
C SER A 194 8.31 -4.95 -27.29
N HIS A 195 8.76 -6.09 -26.78
CA HIS A 195 9.46 -6.14 -25.52
C HIS A 195 10.95 -6.12 -25.79
N ARG A 196 11.62 -5.12 -25.27
CA ARG A 196 13.06 -5.09 -25.24
C ARG A 196 13.48 -5.33 -23.82
N GLN A 197 14.28 -6.35 -23.62
CA GLN A 197 14.79 -6.67 -22.30
C GLN A 197 16.29 -6.47 -22.35
N PHE A 198 16.77 -5.43 -21.68
CA PHE A 198 18.20 -5.12 -21.71
C PHE A 198 18.88 -5.96 -20.65
N LEU A 199 19.51 -7.05 -21.06
CA LEU A 199 20.07 -7.98 -20.08
C LEU A 199 21.33 -7.39 -19.48
N LEU A 200 21.30 -7.10 -18.18
CA LEU A 200 22.49 -6.69 -17.48
C LEU A 200 23.51 -7.82 -17.43
N ALA A 201 23.04 -9.02 -17.13
CA ALA A 201 23.90 -10.16 -16.95
C ALA A 201 23.55 -11.22 -17.97
N GLY A 202 24.48 -12.14 -18.16
CA GLY A 202 24.19 -13.40 -18.80
C GLY A 202 23.47 -13.37 -20.12
N ARG A 203 22.81 -14.48 -20.43
CA ARG A 203 22.17 -14.67 -21.71
C ARG A 203 21.13 -15.78 -21.64
N GLU A 214 19.37 -23.38 -29.91
CA GLU A 214 19.52 -23.57 -31.35
C GLU A 214 19.60 -22.24 -32.10
N GLY A 215 18.58 -21.42 -31.95
CA GLY A 215 18.43 -20.21 -32.73
C GLY A 215 18.95 -18.97 -32.05
N SER A 216 18.32 -17.86 -32.35
CA SER A 216 18.81 -16.56 -31.93
C SER A 216 18.62 -16.39 -30.43
N ILE A 217 19.69 -16.58 -29.67
CA ILE A 217 19.69 -16.34 -28.23
C ILE A 217 20.28 -14.98 -27.95
N LYS A 218 19.68 -14.25 -27.00
CA LYS A 218 20.15 -12.92 -26.65
C LYS A 218 21.47 -13.00 -25.89
N GLU A 219 22.02 -11.82 -25.62
CA GLU A 219 23.20 -11.64 -24.79
C GLU A 219 22.95 -10.50 -23.82
N ASN A 220 23.84 -10.35 -22.85
CA ASN A 220 23.71 -9.17 -22.05
C ASN A 220 24.38 -8.00 -22.74
N ILE A 221 24.26 -6.83 -22.15
CA ILE A 221 24.64 -5.61 -22.85
C ILE A 221 26.14 -5.45 -22.92
N LEU A 222 26.84 -5.77 -21.83
CA LEU A 222 28.25 -5.45 -21.73
C LEU A 222 29.09 -6.16 -22.76
N ARG A 223 28.57 -7.18 -23.41
CA ARG A 223 29.33 -7.76 -24.50
C ARG A 223 29.47 -6.78 -25.66
N GLY A 224 28.67 -5.72 -25.67
CA GLY A 224 28.74 -4.76 -26.74
C GLY A 224 29.74 -3.66 -26.46
N PHE A 225 30.74 -3.94 -25.63
CA PHE A 225 31.72 -2.97 -25.22
C PHE A 225 33.09 -3.62 -25.17
N SER A 226 34.09 -2.92 -25.70
CA SER A 226 35.44 -3.48 -25.74
C SER A 226 36.06 -3.52 -24.36
N THR A 227 36.91 -4.52 -24.15
CA THR A 227 37.40 -4.82 -22.81
C THR A 227 38.20 -3.65 -22.27
N GLU A 228 39.27 -3.28 -22.98
CA GLU A 228 40.16 -2.23 -22.50
C GLU A 228 39.37 -1.03 -22.04
N LEU A 229 38.56 -0.49 -22.95
CA LEU A 229 37.49 0.43 -22.62
C LEU A 229 36.83 -0.01 -21.32
N LEU A 230 36.01 -1.06 -21.41
CA LEU A 230 35.40 -1.67 -20.24
C LEU A 230 36.36 -1.74 -19.08
N ALA A 231 37.49 -2.41 -19.28
CA ALA A 231 38.52 -2.44 -18.24
C ALA A 231 38.83 -1.03 -17.79
N ALA A 232 39.28 -0.19 -18.73
CA ALA A 232 39.52 1.21 -18.38
C ALA A 232 38.27 1.84 -17.81
N ALA A 233 37.10 1.42 -18.28
CA ALA A 233 35.86 2.00 -17.77
C ALA A 233 35.68 1.67 -16.30
N PHE A 234 36.04 0.45 -15.88
CA PHE A 234 35.75 0.01 -14.53
C PHE A 234 36.95 -0.06 -13.60
N GLY A 235 38.17 -0.05 -14.15
CA GLY A 235 39.32 -0.18 -13.27
C GLY A 235 39.50 -1.56 -12.71
N VAL A 236 38.84 -2.54 -13.28
CA VAL A 236 39.12 -3.92 -12.95
C VAL A 236 40.12 -4.45 -13.97
N ASN A 237 40.86 -5.46 -13.57
CA ASN A 237 41.77 -6.11 -14.49
C ASN A 237 41.04 -6.52 -15.76
N MET A 238 41.78 -6.55 -16.85
CA MET A 238 41.26 -6.88 -18.16
C MET A 238 40.99 -8.37 -18.33
N GLU A 239 41.24 -9.17 -17.30
CA GLU A 239 40.84 -10.55 -17.36
C GLU A 239 39.46 -10.65 -16.70
N ARG A 242 36.31 -10.09 -19.53
CA ARG A 242 35.84 -11.32 -20.14
C ARG A 242 34.72 -11.88 -19.32
N LYS A 243 35.02 -11.97 -18.02
CA LYS A 243 34.06 -12.52 -17.09
C LYS A 243 32.71 -11.87 -17.26
N LEU A 244 32.71 -10.56 -17.55
CA LEU A 244 31.49 -9.78 -17.49
C LEU A 244 30.65 -9.83 -18.75
N GLN A 245 31.25 -10.01 -19.91
CA GLN A 245 30.44 -10.21 -21.09
C GLN A 245 29.55 -11.44 -20.97
N CYS A 246 29.79 -12.28 -19.97
CA CYS A 246 29.06 -13.53 -19.80
C CYS A 246 29.24 -14.41 -21.03
N ARG A 247 30.51 -14.68 -21.36
CA ARG A 247 30.83 -15.22 -22.67
C ARG A 247 30.57 -16.72 -22.78
N ASP A 248 30.76 -17.46 -21.70
CA ASP A 248 30.58 -18.92 -21.73
C ASP A 248 29.19 -19.35 -21.25
N ASP A 249 28.51 -18.50 -20.48
CA ASP A 249 27.35 -18.88 -19.69
C ASP A 249 26.22 -19.41 -20.57
N THR A 250 25.34 -20.18 -19.93
CA THR A 250 24.28 -20.89 -20.62
C THR A 250 23.08 -21.11 -19.71
N ARG A 251 23.27 -20.87 -18.41
CA ARG A 251 22.23 -21.15 -17.43
C ARG A 251 20.96 -20.35 -17.64
N GLY A 252 20.94 -19.42 -18.58
CA GLY A 252 19.74 -18.67 -18.87
C GLY A 252 19.56 -17.47 -17.96
N GLU A 253 18.44 -16.76 -18.18
CA GLU A 253 18.10 -15.63 -17.34
C GLU A 253 17.71 -16.05 -15.94
N ILE A 254 17.57 -17.34 -15.68
CA ILE A 254 17.33 -17.88 -14.35
C ILE A 254 18.40 -18.92 -14.06
N VAL A 255 19.42 -18.52 -13.31
CA VAL A 255 20.42 -19.41 -12.83
C VAL A 255 20.07 -19.70 -11.38
N ARG A 256 20.84 -20.61 -10.73
CA ARG A 256 20.57 -20.93 -9.34
C ARG A 256 21.77 -20.63 -8.46
N ALA A 257 21.47 -20.36 -7.19
CA ALA A 257 22.44 -20.03 -6.15
C ALA A 257 22.46 -21.21 -5.18
N GLU A 258 23.35 -22.17 -5.45
CA GLU A 258 23.23 -23.51 -4.87
C GLU A 258 23.32 -23.49 -3.35
N ASN A 259 24.31 -22.80 -2.80
CA ASN A 259 24.42 -22.74 -1.35
C ASN A 259 23.64 -21.60 -0.76
N GLY A 260 22.47 -21.35 -1.31
CA GLY A 260 21.64 -20.26 -0.88
C GLY A 260 22.13 -18.95 -1.45
N LEU A 261 21.36 -17.91 -1.18
CA LEU A 261 21.82 -16.56 -1.36
C LEU A 261 21.46 -15.82 -0.10
N GLN A 262 22.41 -15.08 0.43
CA GLN A 262 22.20 -14.26 1.59
C GLN A 262 22.31 -12.82 1.17
N VAL A 263 21.44 -11.99 1.73
CA VAL A 263 21.54 -10.55 1.55
C VAL A 263 21.21 -9.92 2.88
N LEU A 264 20.86 -8.64 2.88
CA LEU A 264 20.76 -7.87 4.11
C LEU A 264 19.28 -7.76 4.50
N ARG A 265 18.78 -8.83 5.11
CA ARG A 265 17.37 -9.01 5.41
C ARG A 265 17.11 -8.97 6.91
N PRO A 266 15.89 -8.61 7.32
CA PRO A 266 15.56 -8.57 8.76
C PRO A 266 14.93 -9.85 9.27
N SER A 267 15.33 -10.24 10.48
CA SER A 267 14.94 -11.48 11.15
C SER A 267 15.78 -11.66 12.40
N GLY A 268 17.05 -11.26 12.30
CA GLY A 268 17.94 -11.34 13.44
C GLY A 268 17.94 -12.72 14.06
N MET A 269 17.78 -12.77 15.37
CA MET A 269 17.67 -11.59 16.23
C MET A 269 18.12 -11.89 17.65
N GLU A 270 17.56 -11.14 18.59
CA GLU A 270 17.64 -11.47 20.02
C GLU A 270 16.60 -10.69 20.81
N GLU A 284 15.70 14.09 2.19
CA GLU A 284 15.49 12.68 2.48
C GLU A 284 15.15 11.94 1.19
N GLU A 285 14.88 10.66 1.34
CA GLU A 285 14.16 9.90 0.33
C GLU A 285 12.75 10.43 0.23
N THR A 286 12.36 10.85 -0.97
CA THR A 286 10.95 11.03 -1.26
C THR A 286 10.60 10.13 -2.45
N TYR A 287 11.03 10.47 -3.65
CA TYR A 287 10.70 9.65 -4.79
C TYR A 287 11.33 8.29 -4.68
N CYS A 288 12.16 8.09 -3.66
CA CYS A 288 12.83 6.82 -3.48
C CYS A 288 12.02 5.87 -2.59
N SER A 289 11.57 6.35 -1.43
CA SER A 289 10.85 5.53 -0.46
C SER A 289 9.54 4.97 -1.00
N MET A 290 9.17 5.33 -2.21
CA MET A 290 7.86 4.95 -2.70
C MET A 290 7.70 3.45 -2.64
N LYS A 291 6.47 3.03 -2.42
CA LYS A 291 6.18 1.62 -2.45
C LYS A 291 6.21 1.13 -3.88
N ILE A 292 6.56 -0.13 -4.06
CA ILE A 292 6.66 -0.74 -5.38
C ILE A 292 5.82 -2.00 -5.52
N LYS A 293 5.44 -2.65 -4.42
CA LYS A 293 4.55 -3.79 -4.46
C LYS A 293 3.38 -3.54 -3.55
N GLN A 294 2.30 -4.25 -3.81
CA GLN A 294 1.11 -4.16 -2.97
C GLN A 294 0.39 -5.49 -3.06
N ASN A 295 0.26 -6.15 -1.92
CA ASN A 295 -0.43 -7.43 -1.94
C ASN A 295 -1.87 -7.22 -2.32
N ILE A 296 -2.35 -7.97 -3.30
CA ILE A 296 -3.73 -7.87 -3.73
C ILE A 296 -4.45 -9.21 -3.70
N GLY A 297 -3.75 -10.31 -3.49
CA GLY A 297 -4.42 -11.59 -3.39
C GLY A 297 -5.12 -11.81 -2.07
N ASP A 298 -4.82 -11.00 -1.08
CA ASP A 298 -5.40 -11.19 0.24
C ASP A 298 -6.90 -11.01 0.22
N PRO A 299 -7.67 -11.92 0.84
CA PRO A 299 -9.12 -11.74 0.84
C PRO A 299 -9.56 -10.59 1.70
N ARG A 300 -8.83 -10.31 2.78
CA ARG A 300 -9.24 -9.31 3.75
C ARG A 300 -9.16 -7.92 3.15
N ARG A 301 -8.83 -7.85 1.86
CA ARG A 301 -8.63 -6.61 1.15
C ARG A 301 -9.70 -6.29 0.11
N ALA A 302 -10.35 -7.31 -0.47
CA ALA A 302 -11.29 -7.13 -1.56
C ALA A 302 -12.22 -5.95 -1.31
N ASP A 303 -12.63 -5.30 -2.39
CA ASP A 303 -13.49 -4.14 -2.23
C ASP A 303 -14.96 -4.47 -2.32
N VAL A 304 -15.30 -5.55 -3.02
CA VAL A 304 -16.68 -5.91 -3.28
C VAL A 304 -16.93 -7.31 -2.73
N PHE A 305 -18.05 -7.49 -2.02
CA PHE A 305 -18.38 -8.78 -1.40
C PHE A 305 -19.87 -8.75 -1.01
N ASN A 306 -20.74 -9.32 -1.84
CA ASN A 306 -20.37 -10.07 -3.03
C ASN A 306 -21.35 -9.83 -4.18
N PRO A 307 -20.86 -9.79 -5.44
CA PRO A 307 -21.78 -9.74 -6.57
C PRO A 307 -22.43 -11.08 -6.84
N ARG A 308 -22.75 -11.80 -5.74
CA ARG A 308 -23.17 -13.19 -5.77
C ARG A 308 -22.26 -14.02 -6.66
N GLY A 309 -21.18 -14.57 -6.11
CA GLY A 309 -20.88 -14.48 -4.69
C GLY A 309 -19.44 -14.33 -4.29
N GLY A 310 -18.54 -14.15 -5.25
CA GLY A 310 -17.12 -14.04 -4.94
C GLY A 310 -16.69 -12.76 -4.25
N ARG A 311 -15.51 -12.25 -4.63
CA ARG A 311 -14.97 -11.00 -4.07
C ARG A 311 -14.04 -10.33 -5.08
N ILE A 312 -13.94 -9.00 -5.00
CA ILE A 312 -13.11 -8.24 -5.93
C ILE A 312 -12.18 -7.34 -5.15
N THR A 313 -10.90 -7.49 -5.41
CA THR A 313 -9.89 -6.59 -4.92
C THR A 313 -9.33 -5.82 -6.11
N THR A 314 -9.13 -4.52 -5.93
CA THR A 314 -8.88 -3.59 -7.02
C THR A 314 -7.68 -2.72 -6.68
N LEU A 315 -6.66 -2.78 -7.51
CA LEU A 315 -5.46 -1.98 -7.34
C LEU A 315 -5.42 -0.88 -8.38
N ASN A 316 -5.32 0.37 -7.93
CA ASN A 316 -5.11 1.47 -8.82
C ASN A 316 -4.35 2.53 -8.03
N SER A 317 -4.00 3.61 -8.72
CA SER A 317 -3.27 4.70 -8.09
C SER A 317 -3.85 5.15 -6.76
N GLU A 318 -5.10 4.80 -6.48
CA GLU A 318 -5.68 5.16 -5.19
C GLU A 318 -5.22 4.24 -4.07
N LYS A 319 -4.48 3.22 -4.40
CA LYS A 319 -3.85 2.36 -3.41
C LYS A 319 -2.35 2.30 -3.58
N LEU A 320 -1.87 2.26 -4.82
CA LEU A 320 -0.44 2.31 -5.08
C LEU A 320 -0.11 3.54 -5.94
N PRO A 321 0.61 4.53 -5.41
CA PRO A 321 0.86 5.77 -6.14
C PRO A 321 1.77 5.67 -7.37
N ILE A 322 2.43 4.56 -7.65
CA ILE A 322 3.24 4.52 -8.87
C ILE A 322 2.36 4.44 -10.10
N LEU A 323 1.22 3.76 -9.98
CA LEU A 323 0.37 3.55 -11.15
C LEU A 323 0.05 4.86 -11.84
N ARG A 324 -0.15 5.92 -11.05
CA ARG A 324 -0.31 7.30 -11.51
C ARG A 324 0.63 7.60 -12.65
N PHE A 325 1.75 6.88 -12.70
CA PHE A 325 2.73 7.03 -13.76
C PHE A 325 2.78 5.84 -14.71
N ILE A 326 2.45 4.63 -14.25
CA ILE A 326 2.48 3.49 -15.17
C ILE A 326 1.23 3.44 -16.03
N GLN A 327 0.08 3.88 -15.52
CA GLN A 327 -1.16 3.84 -16.26
C GLN A 327 -1.50 2.40 -16.64
N MET A 328 -1.34 1.50 -15.67
CA MET A 328 -1.94 0.19 -15.68
C MET A 328 -2.72 0.02 -14.40
N SER A 329 -3.81 -0.72 -14.45
CA SER A 329 -4.53 -1.01 -13.22
C SER A 329 -4.75 -2.51 -13.11
N ALA A 330 -5.21 -2.93 -11.93
CA ALA A 330 -5.22 -4.35 -11.64
C ALA A 330 -6.48 -4.75 -10.88
N GLU A 331 -7.05 -5.88 -11.27
CA GLU A 331 -8.14 -6.51 -10.55
C GLU A 331 -7.81 -7.96 -10.22
N ARG A 332 -7.94 -8.31 -8.95
CA ARG A 332 -7.98 -9.69 -8.51
C ARG A 332 -9.40 -10.01 -8.09
N VAL A 333 -9.93 -11.09 -8.64
CA VAL A 333 -11.36 -11.38 -8.57
C VAL A 333 -11.57 -12.88 -8.38
N VAL A 334 -11.91 -13.32 -7.17
CA VAL A 334 -12.17 -14.74 -6.90
C VAL A 334 -13.67 -14.95 -6.84
N LEU A 335 -14.18 -15.79 -7.73
CA LEU A 335 -15.60 -16.08 -7.79
C LEU A 335 -15.89 -17.41 -7.14
N TYR A 336 -16.65 -17.39 -6.06
CA TYR A 336 -17.14 -18.61 -5.48
C TYR A 336 -17.99 -19.34 -6.52
N ARG A 337 -18.25 -20.62 -6.26
CA ARG A 337 -18.93 -21.45 -7.24
C ARG A 337 -20.30 -20.87 -7.59
N ASN A 338 -20.76 -21.19 -8.80
CA ASN A 338 -22.08 -20.83 -9.32
C ASN A 338 -22.18 -19.37 -9.75
N ALA A 339 -21.22 -18.56 -9.32
CA ALA A 339 -21.40 -17.12 -9.36
C ALA A 339 -21.27 -16.57 -10.78
N MET A 340 -21.40 -15.25 -10.88
CA MET A 340 -21.28 -14.54 -12.15
C MET A 340 -21.05 -13.08 -11.84
N VAL A 341 -20.30 -12.42 -12.69
CA VAL A 341 -20.02 -11.00 -12.54
C VAL A 341 -20.90 -10.26 -13.53
N SER A 342 -21.37 -9.09 -13.10
CA SER A 342 -22.37 -8.37 -13.84
C SER A 342 -21.88 -8.05 -15.25
N PRO A 343 -22.78 -7.98 -16.22
CA PRO A 343 -22.39 -7.53 -17.54
C PRO A 343 -21.88 -6.10 -17.44
N HIS A 344 -20.83 -5.82 -18.17
CA HIS A 344 -20.12 -4.56 -18.00
C HIS A 344 -19.19 -4.42 -19.18
N TRP A 345 -18.66 -3.22 -19.33
CA TRP A 345 -17.63 -2.96 -20.32
C TRP A 345 -16.63 -1.99 -19.75
N ASN A 346 -15.40 -2.14 -20.19
CA ASN A 346 -14.30 -1.34 -19.69
C ASN A 346 -14.37 0.03 -20.34
N ILE A 347 -14.72 1.03 -19.56
CA ILE A 347 -14.69 2.39 -20.05
C ILE A 347 -13.29 2.67 -20.52
N ASN A 348 -12.45 3.04 -19.58
CA ASN A 348 -11.12 3.50 -19.85
C ASN A 348 -10.13 2.36 -19.90
N ALA A 349 -10.41 1.28 -20.62
CA ALA A 349 -9.53 0.17 -20.31
C ALA A 349 -9.65 -0.92 -21.34
N HIS A 350 -8.50 -1.45 -21.73
CA HIS A 350 -8.36 -2.83 -22.16
C HIS A 350 -8.12 -3.69 -20.94
N SER A 351 -8.67 -4.89 -20.96
CA SER A 351 -8.52 -5.80 -19.83
C SER A 351 -7.74 -7.01 -20.29
N ILE A 352 -6.81 -7.41 -19.46
CA ILE A 352 -5.98 -8.56 -19.73
C ILE A 352 -6.28 -9.51 -18.60
N MET A 353 -7.11 -10.50 -18.86
CA MET A 353 -7.56 -11.37 -17.79
C MET A 353 -7.07 -12.80 -18.02
N TYR A 354 -6.76 -13.47 -16.92
CA TYR A 354 -6.14 -14.77 -16.95
C TYR A 354 -6.60 -15.57 -15.74
N CYS A 355 -6.69 -16.88 -15.92
CA CYS A 355 -7.28 -17.80 -14.94
C CYS A 355 -6.21 -18.41 -14.06
N THR A 356 -6.05 -17.88 -12.86
CA THR A 356 -5.13 -18.48 -11.91
C THR A 356 -5.63 -19.83 -11.44
N GLY A 357 -6.92 -20.07 -11.55
CA GLY A 357 -7.53 -21.27 -11.01
C GLY A 357 -9.04 -21.18 -11.13
N GLY A 358 -9.69 -22.22 -10.63
CA GLY A 358 -11.11 -22.33 -10.80
C GLY A 358 -11.46 -22.72 -12.23
N ARG A 359 -12.75 -22.65 -12.52
CA ARG A 359 -13.27 -23.09 -13.81
C ARG A 359 -14.49 -22.24 -14.09
N GLY A 360 -14.52 -21.59 -15.24
CA GLY A 360 -15.60 -20.65 -15.45
C GLY A 360 -15.73 -20.17 -16.87
N ARG A 361 -16.91 -19.61 -17.16
CA ARG A 361 -17.37 -19.15 -18.46
C ARG A 361 -17.22 -17.65 -18.60
N VAL A 362 -17.08 -17.20 -19.84
CA VAL A 362 -17.04 -15.78 -20.18
C VAL A 362 -17.77 -15.55 -21.49
N GLU A 363 -18.64 -14.55 -21.51
CA GLU A 363 -19.36 -14.18 -22.71
C GLU A 363 -19.08 -12.73 -23.02
N VAL A 364 -18.70 -12.46 -24.26
CA VAL A 364 -18.24 -11.14 -24.66
C VAL A 364 -18.93 -10.78 -25.97
N ALA A 365 -19.05 -9.48 -26.22
CA ALA A 365 -19.72 -8.97 -27.42
C ALA A 365 -19.04 -7.69 -27.87
N ASP A 366 -19.56 -7.10 -28.95
CA ASP A 366 -18.99 -5.90 -29.55
C ASP A 366 -20.09 -4.95 -30.01
N ASP A 367 -19.85 -4.22 -31.10
CA ASP A 367 -20.77 -3.23 -31.64
C ASP A 367 -21.85 -3.86 -32.51
N ARG A 368 -21.44 -4.60 -33.52
CA ARG A 368 -22.35 -5.16 -34.50
C ARG A 368 -23.32 -6.15 -33.88
N GLY A 369 -23.22 -6.36 -32.58
CA GLY A 369 -24.22 -7.13 -31.88
C GLY A 369 -23.79 -8.51 -31.46
N GLU A 370 -23.21 -9.27 -32.40
CA GLU A 370 -22.89 -10.67 -32.16
C GLU A 370 -21.85 -10.80 -31.05
N THR A 371 -21.81 -11.98 -30.43
CA THR A 371 -20.77 -12.22 -29.44
C THR A 371 -19.42 -12.32 -30.13
N VAL A 372 -18.37 -12.59 -29.36
CA VAL A 372 -17.02 -12.68 -29.92
C VAL A 372 -16.21 -13.62 -29.05
N PHE A 373 -16.74 -13.92 -27.87
CA PHE A 373 -16.19 -15.01 -27.09
C PHE A 373 -17.32 -15.76 -26.42
N ASP A 374 -17.54 -16.99 -26.87
CA ASP A 374 -18.44 -17.94 -26.23
C ASP A 374 -17.59 -19.17 -26.00
N GLY A 375 -16.99 -19.26 -24.82
CA GLY A 375 -16.05 -20.34 -24.54
C GLY A 375 -15.66 -20.34 -23.08
N GLU A 376 -15.10 -21.47 -22.64
CA GLU A 376 -14.78 -21.65 -21.23
C GLU A 376 -13.30 -21.42 -20.99
N LEU A 377 -12.99 -20.64 -19.97
CA LEU A 377 -11.63 -20.32 -19.60
C LEU A 377 -11.22 -21.20 -18.41
N ARG A 378 -10.20 -22.01 -18.63
CA ARG A 378 -9.65 -22.83 -17.57
C ARG A 378 -8.34 -22.21 -17.07
N GLN A 379 -7.86 -22.73 -15.96
CA GLN A 379 -6.63 -22.22 -15.34
C GLN A 379 -5.48 -22.25 -16.32
N GLY A 380 -4.59 -21.27 -16.21
CA GLY A 380 -3.45 -21.26 -17.08
C GLY A 380 -3.77 -20.84 -18.49
N GLN A 381 -4.73 -19.95 -18.66
CA GLN A 381 -5.11 -19.51 -19.98
C GLN A 381 -5.39 -18.03 -19.95
N LEU A 382 -4.94 -17.34 -21.00
CA LEU A 382 -5.05 -15.90 -21.08
C LEU A 382 -6.14 -15.50 -22.05
N LEU A 383 -6.88 -14.46 -21.67
CA LEU A 383 -7.87 -13.86 -22.56
C LEU A 383 -7.85 -12.36 -22.35
N ILE A 384 -7.74 -11.61 -23.44
CA ILE A 384 -7.72 -10.16 -23.39
C ILE A 384 -9.13 -9.66 -23.66
N VAL A 385 -9.69 -8.92 -22.73
CA VAL A 385 -11.01 -8.34 -22.92
C VAL A 385 -10.84 -6.85 -23.22
N PRO A 386 -11.40 -6.35 -24.30
CA PRO A 386 -11.04 -5.02 -24.76
C PRO A 386 -11.92 -3.92 -24.20
N GLN A 387 -11.66 -2.72 -24.68
CA GLN A 387 -12.36 -1.53 -24.21
C GLN A 387 -13.80 -1.55 -24.63
N ASN A 388 -14.66 -0.98 -23.80
CA ASN A 388 -16.04 -0.76 -24.15
C ASN A 388 -16.78 -2.03 -24.54
N PHE A 389 -16.05 -3.04 -24.97
CA PHE A 389 -16.65 -4.34 -25.17
C PHE A 389 -17.34 -4.75 -23.88
N ALA A 390 -18.57 -5.19 -23.99
CA ALA A 390 -19.35 -5.59 -22.82
C ALA A 390 -19.12 -7.06 -22.53
N MET A 391 -19.00 -7.40 -21.27
CA MET A 391 -18.56 -8.75 -20.97
C MET A 391 -19.37 -9.37 -19.86
N LEU A 392 -19.41 -10.69 -19.87
CA LEU A 392 -20.19 -11.47 -18.95
C LEU A 392 -19.41 -12.74 -18.62
N GLU A 393 -19.42 -13.10 -17.35
CA GLU A 393 -18.73 -14.28 -16.88
C GLU A 393 -19.64 -15.11 -15.99
N ARG A 394 -19.21 -16.34 -15.72
CA ARG A 394 -19.93 -17.19 -14.79
C ARG A 394 -18.99 -18.28 -14.30
N ALA A 395 -18.88 -18.42 -12.98
CA ALA A 395 -17.98 -19.39 -12.38
C ALA A 395 -18.51 -20.80 -12.60
N GLY A 396 -17.76 -21.78 -12.09
CA GLY A 396 -18.18 -23.18 -12.13
C GLY A 396 -18.43 -23.70 -10.73
N SER A 397 -18.32 -25.01 -10.51
CA SER A 397 -18.40 -25.51 -9.15
C SER A 397 -17.04 -25.52 -8.48
N ALA A 398 -16.00 -25.79 -9.25
CA ALA A 398 -14.70 -25.59 -8.63
C ALA A 398 -14.37 -24.15 -8.49
N GLY A 399 -15.34 -23.26 -8.64
CA GLY A 399 -15.08 -21.84 -8.51
C GLY A 399 -14.46 -21.27 -9.77
N PHE A 400 -14.18 -19.97 -9.69
CA PHE A 400 -13.47 -19.29 -10.76
C PHE A 400 -12.65 -18.17 -10.14
N GLN A 401 -11.37 -18.11 -10.48
CA GLN A 401 -10.45 -17.18 -9.85
C GLN A 401 -9.52 -16.59 -10.91
N LEU A 402 -9.80 -15.37 -11.35
CA LEU A 402 -9.04 -14.70 -12.40
C LEU A 402 -8.29 -13.52 -11.85
N VAL A 403 -7.36 -13.01 -12.65
CA VAL A 403 -6.66 -11.77 -12.34
C VAL A 403 -6.77 -10.84 -13.53
N SER A 404 -7.16 -9.59 -13.28
CA SER A 404 -7.47 -8.65 -14.35
C SER A 404 -6.56 -7.44 -14.26
N ILE A 405 -5.68 -7.28 -15.25
CA ILE A 405 -4.74 -6.17 -15.32
C ILE A 405 -5.18 -5.26 -16.45
N LYS A 406 -5.27 -3.98 -16.17
CA LYS A 406 -5.90 -3.07 -17.10
C LYS A 406 -4.94 -1.94 -17.42
N THR A 407 -5.28 -1.20 -18.47
CA THR A 407 -4.37 -0.26 -19.11
C THR A 407 -4.64 1.21 -18.80
N SER A 408 -4.58 1.60 -17.52
CA SER A 408 -4.68 3.00 -17.14
C SER A 408 -4.59 3.04 -15.64
N ASP A 409 -4.20 4.18 -15.11
CA ASP A 409 -3.92 4.30 -13.70
C ASP A 409 -5.14 4.07 -12.84
N ARG A 410 -6.33 4.08 -13.45
CA ARG A 410 -7.57 4.07 -12.68
C ARG A 410 -8.68 3.40 -13.48
N ALA A 411 -8.34 2.36 -14.23
CA ALA A 411 -9.26 1.82 -15.22
C ALA A 411 -10.61 1.48 -14.60
N MET A 412 -11.67 1.65 -15.41
CA MET A 412 -13.03 1.56 -14.92
C MET A 412 -13.91 0.79 -15.87
N VAL A 413 -14.98 0.25 -15.32
CA VAL A 413 -15.98 -0.48 -16.08
C VAL A 413 -17.34 0.10 -15.73
N SER A 414 -18.31 -0.19 -16.58
CA SER A 414 -19.68 0.23 -16.35
C SER A 414 -20.53 -0.99 -16.06
N THR A 415 -21.00 -1.10 -14.82
CA THR A 415 -21.95 -2.14 -14.45
C THR A 415 -23.31 -1.76 -14.98
N VAL A 416 -23.67 -2.31 -16.13
CA VAL A 416 -24.99 -2.21 -16.73
C VAL A 416 -26.02 -1.88 -15.67
N VAL A 417 -26.16 -2.76 -14.68
CA VAL A 417 -27.06 -2.53 -13.56
C VAL A 417 -26.83 -1.18 -12.91
N GLY A 418 -25.57 -0.76 -12.80
CA GLY A 418 -25.29 0.49 -12.10
C GLY A 418 -25.89 1.66 -12.84
N LEU A 423 -28.02 1.30 -16.83
CA LEU A 423 -29.41 0.92 -16.92
C LEU A 423 -30.23 1.56 -15.83
N ARG A 424 -30.01 1.13 -14.59
CA ARG A 424 -30.80 1.61 -13.47
C ARG A 424 -30.84 3.13 -13.35
N GLY A 425 -30.22 3.83 -14.29
CA GLY A 425 -30.22 5.27 -14.29
C GLY A 425 -30.98 5.81 -15.48
N MET A 426 -31.55 4.91 -16.24
CA MET A 426 -32.39 5.54 -17.24
C MET A 426 -33.82 5.58 -16.72
N PRO A 427 -34.53 6.64 -17.07
CA PRO A 427 -35.92 6.78 -16.64
C PRO A 427 -36.78 5.63 -17.14
N VAL A 428 -37.86 5.38 -16.42
CA VAL A 428 -38.64 4.16 -16.65
C VAL A 428 -39.20 4.14 -18.06
N GLU A 429 -39.77 5.26 -18.49
CA GLU A 429 -40.28 5.28 -19.86
C GLU A 429 -39.15 5.09 -20.85
N VAL A 430 -37.96 5.58 -20.51
CA VAL A 430 -36.79 5.37 -21.35
C VAL A 430 -36.48 3.89 -21.46
N LEU A 431 -36.85 3.10 -20.47
CA LEU A 431 -36.69 1.67 -20.63
C LEU A 431 -37.81 1.07 -21.47
N MET A 432 -39.00 1.65 -21.41
CA MET A 432 -40.14 1.06 -22.12
C MET A 432 -40.12 1.36 -23.61
N ASN A 433 -39.68 2.54 -23.99
CA ASN A 433 -39.76 2.92 -25.38
C ASN A 433 -38.66 2.28 -26.22
N SER A 434 -37.50 2.03 -25.60
CA SER A 434 -36.33 1.54 -26.32
C SER A 434 -36.55 0.13 -26.83
N TYR A 435 -37.07 -0.73 -25.96
CA TYR A 435 -37.23 -2.12 -26.28
C TYR A 435 -38.71 -2.51 -26.45
N ARG A 436 -39.61 -1.54 -26.45
CA ARG A 436 -41.05 -1.80 -26.48
C ARG A 436 -41.43 -2.78 -25.37
N LEU A 437 -41.45 -2.31 -24.14
CA LEU A 437 -41.97 -3.12 -23.05
C LEU A 437 -42.93 -2.26 -22.25
N SER A 438 -43.84 -2.91 -21.54
CA SER A 438 -44.68 -2.15 -20.64
C SER A 438 -43.87 -1.79 -19.39
N ARG A 439 -44.43 -0.89 -18.60
CA ARG A 439 -43.72 -0.39 -17.43
C ARG A 439 -43.22 -1.53 -16.56
N ASP A 440 -44.10 -2.49 -16.27
CA ASP A 440 -43.73 -3.53 -15.31
C ASP A 440 -42.53 -4.31 -15.81
N GLU A 441 -42.39 -4.47 -17.12
CA GLU A 441 -41.12 -4.98 -17.63
C GLU A 441 -40.00 -4.03 -17.27
N ALA A 442 -40.17 -2.75 -17.59
CA ALA A 442 -39.11 -1.78 -17.37
C ALA A 442 -38.50 -1.96 -16.00
N ARG A 443 -39.32 -1.89 -14.98
CA ARG A 443 -38.77 -1.96 -13.64
C ARG A 443 -38.18 -3.33 -13.35
N ARG A 444 -38.68 -4.38 -14.01
CA ARG A 444 -38.13 -5.71 -13.74
C ARG A 444 -36.65 -5.77 -14.04
N VAL A 445 -36.21 -4.98 -15.01
CA VAL A 445 -34.79 -4.86 -15.29
C VAL A 445 -34.14 -3.85 -14.36
N LYS A 446 -34.83 -2.75 -14.06
CA LYS A 446 -34.30 -1.76 -13.16
C LYS A 446 -34.70 -2.07 -11.73
N CYS B 45 4.42 29.43 20.81
CA CYS B 45 5.38 28.42 20.33
C CYS B 45 6.76 29.05 20.33
N ARG B 46 7.12 29.56 21.48
CA ARG B 46 8.52 29.86 21.81
C ARG B 46 8.75 29.14 23.12
N ILE B 47 9.45 28.03 23.05
CA ILE B 47 9.57 27.10 24.15
C ILE B 47 10.90 27.33 24.85
N GLU B 48 10.90 27.23 26.16
CA GLU B 48 12.14 27.21 26.93
C GLU B 48 12.66 25.78 27.11
N ARG B 49 11.77 24.84 27.43
CA ARG B 49 12.20 23.50 27.77
C ARG B 49 11.22 22.47 27.23
N LEU B 50 11.75 21.33 26.80
CA LEU B 50 10.94 20.23 26.34
C LEU B 50 10.64 19.28 27.49
N ASN B 51 9.38 18.85 27.56
CA ASN B 51 8.98 17.80 28.48
C ASN B 51 8.64 16.55 27.69
N ALA B 52 8.57 15.43 28.39
CA ALA B 52 8.00 14.20 27.86
C ALA B 52 6.59 14.08 28.38
N LEU B 53 5.71 13.50 27.58
CA LEU B 53 4.29 13.67 27.80
C LEU B 53 3.62 12.36 28.18
N GLU B 54 2.51 12.49 28.90
CA GLU B 54 1.75 11.39 29.38
C GLU B 54 0.32 11.87 29.43
N PRO B 55 -0.63 11.04 29.07
CA PRO B 55 -2.02 11.49 28.97
C PRO B 55 -2.48 12.18 30.23
N THR B 56 -3.28 13.22 30.05
CA THR B 56 -3.63 14.12 31.12
C THR B 56 -5.13 14.11 31.44
N ARG B 57 -5.95 13.44 30.65
CA ARG B 57 -7.35 13.16 31.00
C ARG B 57 -7.63 11.71 30.64
N THR B 58 -7.56 10.83 31.64
CA THR B 58 -7.91 9.43 31.45
C THR B 58 -9.38 9.25 31.80
N VAL B 59 -10.12 8.65 30.90
CA VAL B 59 -11.54 8.41 31.09
C VAL B 59 -11.80 6.94 30.85
N ARG B 60 -12.54 6.30 31.77
CA ARG B 60 -12.76 4.86 31.79
C ARG B 60 -14.01 4.50 30.99
N SER B 61 -14.07 3.24 30.53
CA SER B 61 -15.14 2.83 29.63
C SER B 61 -15.40 1.34 29.74
N GLU B 62 -16.61 0.95 29.32
CA GLU B 62 -17.08 -0.42 29.51
C GLU B 62 -16.14 -1.42 28.86
N ALA B 63 -15.70 -1.14 27.64
CA ALA B 63 -14.77 -2.02 26.96
C ALA B 63 -13.42 -1.35 26.72
N GLY B 64 -13.07 -0.36 27.53
CA GLY B 64 -11.76 0.23 27.41
C GLY B 64 -11.56 1.40 28.34
N VAL B 65 -10.54 2.18 28.05
CA VAL B 65 -10.24 3.40 28.78
C VAL B 65 -9.67 4.39 27.79
N THR B 66 -9.94 5.67 28.01
CA THR B 66 -9.52 6.72 27.08
C THR B 66 -8.56 7.63 27.81
N ASP B 67 -7.28 7.54 27.44
CA ASP B 67 -6.22 8.32 28.05
C ASP B 67 -5.95 9.48 27.10
N TYR B 68 -6.59 10.60 27.35
CA TYR B 68 -6.40 11.75 26.48
C TYR B 68 -5.09 12.44 26.81
N PHE B 69 -4.41 12.87 25.76
CA PHE B 69 -3.33 13.85 25.90
C PHE B 69 -3.94 15.23 25.75
N ASP B 70 -3.67 16.10 26.72
CA ASP B 70 -4.21 17.45 26.72
C ASP B 70 -3.33 18.40 25.91
N GLU B 71 -3.97 19.18 25.04
CA GLU B 71 -3.24 19.93 24.02
C GLU B 71 -2.88 21.35 24.44
N ASP B 72 -3.43 21.85 25.53
CA ASP B 72 -3.04 23.18 25.98
C ASP B 72 -1.62 23.22 26.48
N ASN B 73 -0.93 22.09 26.45
CA ASN B 73 0.51 22.06 26.65
C ASN B 73 1.17 22.80 25.50
N GLU B 74 1.95 23.83 25.83
CA GLU B 74 2.57 24.65 24.80
C GLU B 74 3.27 23.81 23.75
N GLN B 75 3.87 22.70 24.16
CA GLN B 75 4.42 21.75 23.21
C GLN B 75 3.34 21.32 22.21
N PHE B 76 2.32 20.61 22.70
CA PHE B 76 1.17 20.26 21.88
C PHE B 76 0.62 21.50 21.20
N ARG B 77 0.46 22.56 21.98
CA ARG B 77 0.03 23.82 21.39
C ARG B 77 0.92 24.18 20.21
N CYS B 78 2.21 24.39 20.43
CA CYS B 78 3.04 24.76 19.29
C CYS B 78 2.93 23.69 18.22
N ALA B 79 2.85 22.43 18.64
CA ALA B 79 2.63 21.37 17.68
C ALA B 79 1.37 21.65 16.88
N GLY B 80 0.29 22.06 17.54
CA GLY B 80 -0.96 22.24 16.86
C GLY B 80 -1.69 20.95 16.55
N VAL B 81 -1.62 19.97 17.45
CA VAL B 81 -2.31 18.71 17.29
C VAL B 81 -2.79 18.23 18.65
N SER B 82 -3.48 17.10 18.62
CA SER B 82 -3.84 16.36 19.79
C SER B 82 -3.55 14.91 19.55
N THR B 83 -3.32 14.18 20.62
CA THR B 83 -3.28 12.75 20.51
C THR B 83 -4.08 12.16 21.64
N ILE B 84 -4.57 10.96 21.36
CA ILE B 84 -5.49 10.25 22.23
C ILE B 84 -5.07 8.79 22.21
N ARG B 85 -4.64 8.28 23.36
CA ARG B 85 -4.36 6.87 23.51
C ARG B 85 -5.54 6.22 24.19
N ARG B 86 -5.97 5.09 23.67
CA ARG B 86 -7.27 4.52 23.98
C ARG B 86 -7.16 3.02 23.81
N VAL B 87 -7.73 2.25 24.74
CA VAL B 87 -7.61 0.80 24.72
C VAL B 87 -8.99 0.17 24.61
N ILE B 88 -9.09 -0.93 23.88
CA ILE B 88 -10.34 -1.67 23.71
C ILE B 88 -10.02 -3.16 23.92
N GLU B 89 -10.20 -3.62 25.15
CA GLU B 89 -10.09 -5.03 25.42
C GLU B 89 -11.20 -5.77 24.66
N PRO B 90 -11.08 -7.10 24.50
CA PRO B 90 -11.91 -7.80 23.50
C PRO B 90 -13.41 -7.59 23.57
N ARG B 91 -14.08 -7.98 22.49
CA ARG B 91 -15.51 -7.78 22.27
C ARG B 91 -15.85 -6.30 22.21
N GLY B 92 -14.87 -5.44 22.46
CA GLY B 92 -15.16 -4.04 22.61
C GLY B 92 -15.43 -3.37 21.27
N LEU B 93 -16.37 -2.42 21.29
CA LEU B 93 -16.73 -1.64 20.12
C LEU B 93 -16.68 -0.15 20.45
N LEU B 94 -15.79 0.57 19.78
CA LEU B 94 -15.69 2.01 19.97
C LEU B 94 -16.73 2.70 19.10
N LEU B 95 -17.39 3.69 19.68
CA LEU B 95 -18.56 4.26 19.04
C LEU B 95 -18.17 5.08 17.82
N PRO B 96 -18.82 4.89 16.68
CA PRO B 96 -18.47 5.66 15.48
C PRO B 96 -18.68 7.14 15.73
N SER B 97 -17.61 7.89 15.63
CA SER B 97 -17.68 9.32 15.77
C SER B 97 -16.97 9.94 14.59
N MET B 98 -16.90 11.25 14.60
CA MET B 98 -16.09 11.96 13.63
C MET B 98 -15.39 13.09 14.37
N SER B 99 -14.16 13.35 13.97
CA SER B 99 -13.31 14.26 14.71
C SER B 99 -13.05 15.51 13.90
N ASN B 100 -12.67 16.56 14.64
CA ASN B 100 -12.45 17.87 14.06
C ASN B 100 -11.42 17.82 12.95
N ALA B 101 -10.22 17.38 13.28
CA ALA B 101 -8.90 17.21 12.73
C ALA B 101 -8.80 15.88 12.01
N PRO B 102 -8.10 15.82 10.90
CA PRO B 102 -7.85 14.53 10.26
C PRO B 102 -6.84 13.78 11.08
N ARG B 103 -6.95 12.46 11.08
CA ARG B 103 -6.26 11.72 12.11
C ARG B 103 -5.53 10.54 11.54
N LEU B 104 -4.36 10.31 12.12
CA LEU B 104 -3.59 9.10 11.89
C LEU B 104 -3.69 8.26 13.15
N VAL B 105 -3.93 6.97 12.95
CA VAL B 105 -4.01 6.01 14.04
C VAL B 105 -3.00 4.94 13.75
N TYR B 106 -2.16 4.65 14.72
CA TYR B 106 -1.21 3.55 14.59
C TYR B 106 -1.62 2.49 15.59
N ILE B 107 -1.71 1.25 15.13
CA ILE B 107 -2.16 0.16 15.98
C ILE B 107 -0.97 -0.39 16.76
N VAL B 108 -0.80 0.11 17.97
CA VAL B 108 0.34 -0.28 18.80
C VAL B 108 0.33 -1.77 19.06
N GLN B 109 -0.85 -2.35 19.27
CA GLN B 109 -0.93 -3.73 19.70
C GLN B 109 -2.12 -4.43 19.05
N GLY B 110 -1.83 -5.46 18.27
CA GLY B 110 -2.78 -6.53 18.02
C GLY B 110 -3.52 -6.37 16.71
N ARG B 111 -4.19 -7.45 16.31
CA ARG B 111 -5.06 -7.43 15.16
C ARG B 111 -6.42 -6.87 15.55
N GLY B 112 -7.29 -6.69 14.56
CA GLY B 112 -8.61 -6.16 14.84
C GLY B 112 -9.41 -5.93 13.58
N ILE B 113 -10.39 -5.03 13.70
CA ILE B 113 -11.30 -4.70 12.62
C ILE B 113 -11.76 -3.26 12.78
N VAL B 114 -11.57 -2.45 11.75
CA VAL B 114 -11.92 -1.03 11.80
C VAL B 114 -12.93 -0.74 10.72
N GLY B 115 -13.71 0.30 10.93
CA GLY B 115 -14.73 0.65 9.96
C GLY B 115 -14.88 2.14 9.74
N LEU B 116 -14.89 2.51 8.48
CA LEU B 116 -14.91 3.90 8.08
C LEU B 116 -15.93 4.08 6.98
N VAL B 117 -16.59 5.22 7.00
CA VAL B 117 -17.76 5.43 6.18
C VAL B 117 -17.54 6.66 5.30
N MET B 118 -17.60 6.46 3.99
CA MET B 118 -17.30 7.49 3.01
C MET B 118 -18.54 7.91 2.25
N PRO B 119 -19.12 9.07 2.52
CA PRO B 119 -20.42 9.44 1.95
C PRO B 119 -20.42 9.48 0.42
N GLY B 120 -21.58 9.19 -0.16
CA GLY B 120 -21.71 9.06 -1.58
C GLY B 120 -21.20 7.77 -2.16
N CYS B 121 -20.47 7.00 -1.39
CA CYS B 121 -19.93 5.73 -1.85
C CYS B 121 -20.89 4.60 -1.50
N PRO B 122 -21.24 3.76 -2.46
CA PRO B 122 -22.21 2.70 -2.20
C PRO B 122 -21.61 1.58 -1.37
N GLU B 123 -22.39 1.12 -0.40
CA GLU B 123 -22.11 -0.10 0.34
C GLU B 123 -21.75 -1.22 -0.61
N THR B 124 -20.47 -1.59 -0.67
CA THR B 124 -19.99 -2.63 -1.55
C THR B 124 -20.00 -4.00 -0.89
N PHE B 125 -20.63 -4.12 0.27
CA PHE B 125 -20.72 -5.37 1.02
C PHE B 125 -22.18 -5.73 1.22
N GLN B 126 -22.58 -6.93 0.82
CA GLN B 126 -23.99 -7.33 0.78
C GLN B 126 -24.16 -8.78 1.19
N SER B 127 -25.40 -9.13 1.54
CA SER B 127 -25.79 -10.54 1.61
C SER B 127 -27.29 -10.66 1.44
N PHE B 128 -27.80 -11.88 1.59
CA PHE B 128 -29.22 -12.20 1.42
C PHE B 128 -29.52 -13.62 1.91
N TRP B 141 -35.66 -8.33 1.73
CA TRP B 141 -34.74 -8.55 0.63
C TRP B 141 -33.37 -8.89 1.20
N SER B 142 -32.65 -7.88 1.65
CA SER B 142 -31.26 -8.05 2.07
C SER B 142 -31.17 -8.49 3.53
N ARG B 143 -30.14 -9.29 3.83
CA ARG B 143 -29.82 -9.58 5.22
C ARG B 143 -28.98 -8.45 5.83
N ASP B 144 -27.85 -8.09 5.20
CA ASP B 144 -27.11 -6.90 5.60
C ASP B 144 -26.36 -6.31 4.42
N GLU B 145 -26.14 -5.01 4.52
CA GLU B 145 -25.31 -4.26 3.59
C GLU B 145 -24.67 -3.14 4.38
N HIS B 146 -23.46 -2.79 3.98
CA HIS B 146 -22.71 -1.77 4.68
C HIS B 146 -21.43 -1.46 3.91
N GLN B 147 -20.67 -0.50 4.45
CA GLN B 147 -19.43 -0.11 3.84
C GLN B 147 -18.46 -1.28 3.80
N LYS B 148 -17.35 -1.07 3.10
CA LYS B 148 -16.23 -1.98 3.25
C LYS B 148 -15.71 -1.90 4.68
N VAL B 149 -15.21 -3.03 5.17
CA VAL B 149 -14.57 -3.09 6.46
C VAL B 149 -13.10 -3.39 6.26
N TYR B 150 -12.31 -2.98 7.25
CA TYR B 150 -10.86 -3.13 7.24
C TYR B 150 -10.45 -3.83 8.53
N GLN B 151 -9.89 -5.02 8.39
CA GLN B 151 -9.48 -5.84 9.53
C GLN B 151 -8.01 -5.54 9.83
N PHE B 152 -7.77 -4.71 10.83
CA PHE B 152 -6.43 -4.21 10.99
C PHE B 152 -5.60 -5.18 11.80
N GLN B 153 -4.32 -4.87 11.94
CA GLN B 153 -3.40 -5.75 12.64
C GLN B 153 -2.42 -4.95 13.47
N GLU B 154 -1.67 -5.70 14.26
CA GLU B 154 -0.56 -5.18 15.03
C GLU B 154 0.29 -4.27 14.15
N GLY B 155 0.26 -2.98 14.40
CA GLY B 155 1.19 -2.08 13.74
C GLY B 155 0.75 -1.54 12.41
N ASP B 156 -0.54 -1.42 12.16
CA ASP B 156 -0.93 -0.62 11.01
C ASP B 156 -1.11 0.82 11.41
N VAL B 157 -0.95 1.69 10.42
CA VAL B 157 -1.30 3.09 10.57
C VAL B 157 -2.65 3.30 9.90
N LEU B 158 -3.51 4.08 10.53
CA LEU B 158 -4.84 4.34 9.99
C LEU B 158 -5.03 5.84 9.78
N ALA B 159 -5.52 6.21 8.60
CA ALA B 159 -5.63 7.61 8.17
C ALA B 159 -7.09 8.00 8.12
N VAL B 160 -7.52 8.85 9.04
CA VAL B 160 -8.93 9.24 9.10
C VAL B 160 -9.07 10.71 8.76
N PRO B 161 -9.72 11.06 7.66
CA PRO B 161 -9.93 12.47 7.32
C PRO B 161 -11.10 13.06 8.08
N ASN B 162 -11.20 14.38 8.03
CA ASN B 162 -12.17 15.08 8.86
C ASN B 162 -13.57 14.75 8.45
N GLY B 163 -14.49 15.00 9.37
CA GLY B 163 -15.90 14.86 9.08
C GLY B 163 -16.18 13.53 8.47
N PHE B 164 -15.40 12.54 8.87
CA PHE B 164 -15.57 11.17 8.43
C PHE B 164 -15.73 10.27 9.63
N ALA B 165 -16.54 9.24 9.45
CA ALA B 165 -17.02 8.41 10.54
C ALA B 165 -16.21 7.14 10.57
N TYR B 166 -15.40 7.01 11.59
CA TYR B 166 -14.62 5.81 11.82
C TYR B 166 -15.24 5.08 12.98
N TRP B 167 -14.87 3.81 13.09
CA TRP B 167 -15.17 3.04 14.28
C TRP B 167 -14.43 1.73 14.10
N CYS B 168 -14.22 1.03 15.20
CA CYS B 168 -13.50 -0.23 15.11
C CYS B 168 -13.93 -1.13 16.25
N TYR B 169 -13.77 -2.44 16.03
CA TYR B 169 -14.23 -3.48 16.94
C TYR B 169 -13.06 -4.40 17.27
N ASN B 170 -12.79 -4.56 18.56
CA ASN B 170 -11.78 -5.48 19.05
C ASN B 170 -12.12 -6.91 18.69
N ASN B 171 -11.57 -7.41 17.59
CA ASN B 171 -11.81 -8.78 17.18
C ASN B 171 -11.09 -9.75 18.12
N ASN B 174 -5.75 -10.49 22.46
CA ASN B 174 -5.09 -9.51 23.33
C ASN B 174 -5.84 -8.20 23.23
N PRO B 175 -5.76 -7.35 24.26
CA PRO B 175 -6.39 -6.04 24.14
C PRO B 175 -5.73 -5.25 23.03
N VAL B 176 -6.56 -4.62 22.20
CA VAL B 176 -6.04 -3.78 21.12
C VAL B 176 -5.56 -2.47 21.71
N VAL B 177 -4.34 -2.07 21.36
CA VAL B 177 -3.83 -0.75 21.73
C VAL B 177 -3.34 -0.04 20.49
N ALA B 178 -3.68 1.24 20.38
CA ALA B 178 -3.43 2.02 19.17
C ALA B 178 -3.41 3.50 19.52
N ILE B 179 -2.49 4.24 18.93
CA ILE B 179 -2.38 5.65 19.26
C ILE B 179 -2.80 6.48 18.06
N THR B 180 -3.31 7.66 18.37
CA THR B 180 -4.04 8.47 17.41
C THR B 180 -3.63 9.90 17.57
N VAL B 181 -3.36 10.58 16.47
CA VAL B 181 -3.02 11.98 16.51
C VAL B 181 -3.97 12.73 15.59
N LEU B 182 -4.24 13.97 15.93
CA LEU B 182 -5.21 14.78 15.21
C LEU B 182 -4.57 16.12 14.93
N ASP B 183 -4.41 16.46 13.67
CA ASP B 183 -3.83 17.75 13.33
C ASP B 183 -4.89 18.80 13.57
N THR B 184 -4.87 19.39 14.75
CA THR B 184 -5.86 20.41 15.02
C THR B 184 -5.61 21.68 14.24
N SER B 185 -4.39 21.86 13.73
CA SER B 185 -4.03 23.03 12.94
C SER B 185 -4.10 22.76 11.44
N ASN B 186 -4.65 21.62 11.06
CA ASN B 186 -4.76 21.22 9.66
C ASN B 186 -5.53 22.25 8.84
N ASP B 187 -5.68 22.01 7.54
CA ASP B 187 -6.28 23.02 6.69
C ASP B 187 -7.80 22.96 6.73
N ALA B 188 -8.36 21.76 6.71
CA ALA B 188 -9.81 21.61 6.63
C ALA B 188 -10.47 21.52 7.99
N ASN B 189 -9.73 21.73 9.07
CA ASN B 189 -10.34 21.98 10.37
C ASN B 189 -10.69 23.45 10.41
N GLN B 190 -11.79 23.80 9.74
CA GLN B 190 -12.24 25.18 9.71
C GLN B 190 -12.94 25.58 10.98
N LEU B 191 -13.15 24.64 11.88
CA LEU B 191 -13.63 24.95 13.21
C LEU B 191 -12.49 25.55 14.03
N ASP B 192 -12.62 25.52 15.34
CA ASP B 192 -11.58 26.12 16.15
C ASP B 192 -10.34 25.23 16.14
N ARG B 193 -9.34 25.65 16.91
CA ARG B 193 -8.05 24.97 17.02
C ARG B 193 -8.08 23.93 18.14
N SER B 194 -9.07 23.03 18.11
CA SER B 194 -9.25 22.08 19.20
C SER B 194 -9.68 20.75 18.62
N HIS B 195 -9.93 19.78 19.49
CA HIS B 195 -10.44 18.49 19.09
C HIS B 195 -11.92 18.42 19.36
N ARG B 196 -12.69 18.20 18.32
CA ARG B 196 -14.11 18.03 18.43
C ARG B 196 -14.43 16.65 17.88
N GLN B 197 -14.75 15.72 18.77
CA GLN B 197 -15.37 14.48 18.34
C GLN B 197 -16.87 14.73 18.24
N PHE B 198 -17.47 14.28 17.16
CA PHE B 198 -18.92 14.36 17.02
C PHE B 198 -19.42 12.94 17.07
N LEU B 199 -19.69 12.48 18.27
CA LEU B 199 -20.14 11.12 18.46
C LEU B 199 -21.48 10.93 17.79
N LEU B 200 -21.58 9.90 16.97
CA LEU B 200 -22.87 9.60 16.39
C LEU B 200 -23.79 8.91 17.39
N ALA B 201 -23.24 7.99 18.16
CA ALA B 201 -24.00 7.28 19.17
C ALA B 201 -23.47 7.64 20.55
N GLY B 202 -24.13 7.12 21.56
CA GLY B 202 -23.62 7.16 22.92
C GLY B 202 -23.53 8.56 23.47
N ARG B 203 -23.06 8.60 24.70
CA ARG B 203 -22.66 9.82 25.36
C ARG B 203 -21.68 9.46 26.47
N GLU B 219 -23.97 15.07 24.54
CA GLU B 219 -24.45 13.76 24.12
C GLU B 219 -24.02 13.50 22.69
N ASN B 220 -24.45 12.38 22.12
CA ASN B 220 -24.13 12.19 20.72
C ASN B 220 -24.80 13.27 19.91
N ILE B 221 -24.45 13.29 18.62
CA ILE B 221 -24.81 14.42 17.79
C ILE B 221 -26.32 14.64 17.74
N LEU B 222 -27.10 13.57 17.86
CA LEU B 222 -28.55 13.70 17.71
C LEU B 222 -29.22 14.19 18.98
N ARG B 223 -28.48 14.31 20.06
CA ARG B 223 -29.05 14.80 21.31
C ARG B 223 -29.86 16.07 21.08
N GLY B 224 -29.22 17.09 20.53
CA GLY B 224 -29.89 18.36 20.28
C GLY B 224 -30.99 18.29 19.24
N PHE B 225 -31.10 17.19 18.51
CA PHE B 225 -32.22 17.01 17.61
C PHE B 225 -33.43 16.54 18.40
N SER B 226 -34.57 17.18 18.17
CA SER B 226 -35.74 16.86 18.97
C SER B 226 -36.46 15.66 18.40
N THR B 227 -37.01 14.86 19.30
CA THR B 227 -37.77 13.69 18.86
C THR B 227 -38.84 14.10 17.85
N GLU B 228 -39.64 15.12 18.20
CA GLU B 228 -40.74 15.52 17.35
C GLU B 228 -40.30 15.62 15.90
N LEU B 229 -39.29 16.43 15.62
CA LEU B 229 -38.81 16.50 14.25
C LEU B 229 -38.23 15.18 13.80
N LEU B 230 -37.41 14.55 14.64
CA LEU B 230 -36.50 13.52 14.14
C LEU B 230 -37.23 12.29 13.63
N ALA B 231 -38.36 11.92 14.23
CA ALA B 231 -39.07 10.72 13.80
C ALA B 231 -39.41 10.78 12.32
N ALA B 232 -40.05 11.87 11.90
CA ALA B 232 -40.42 11.98 10.50
C ALA B 232 -39.21 12.17 9.63
N ALA B 233 -38.16 12.79 10.15
CA ALA B 233 -36.89 12.73 9.45
C ALA B 233 -36.58 11.30 9.09
N PHE B 234 -36.44 10.45 10.11
CA PHE B 234 -36.23 9.04 9.82
C PHE B 234 -37.47 8.43 9.16
N GLY B 235 -38.65 8.92 9.50
CA GLY B 235 -39.84 8.34 8.93
C GLY B 235 -40.18 7.11 9.72
N VAL B 236 -40.51 7.30 11.00
CA VAL B 236 -40.83 6.23 11.92
C VAL B 236 -41.35 6.84 13.21
N ASN B 237 -41.65 5.99 14.20
CA ASN B 237 -42.26 6.43 15.44
C ASN B 237 -41.32 7.32 16.23
N MET B 238 -41.92 8.14 17.07
CA MET B 238 -41.18 8.95 18.02
C MET B 238 -40.65 8.13 19.19
N GLU B 239 -41.15 6.91 19.40
CA GLU B 239 -40.56 6.07 20.43
C GLU B 239 -39.16 5.66 20.06
N LEU B 240 -39.01 5.11 18.86
CA LEU B 240 -37.74 4.55 18.46
C LEU B 240 -36.67 5.63 18.42
N ALA B 241 -37.07 6.85 18.07
CA ALA B 241 -36.09 7.92 17.92
C ALA B 241 -35.33 8.15 19.22
N ARG B 242 -36.03 8.27 20.35
CA ARG B 242 -35.35 8.50 21.61
C ARG B 242 -34.24 7.48 21.83
N LYS B 243 -34.52 6.22 21.52
CA LYS B 243 -33.51 5.19 21.69
C LYS B 243 -32.27 5.46 20.85
N LEU B 244 -32.37 6.36 19.90
CA LEU B 244 -31.16 6.84 19.25
C LEU B 244 -30.53 8.01 19.98
N GLN B 245 -31.28 8.69 20.85
CA GLN B 245 -30.65 9.74 21.64
C GLN B 245 -29.65 9.18 22.61
N CYS B 246 -29.75 7.91 22.95
CA CYS B 246 -28.84 7.24 23.87
C CYS B 246 -28.72 8.04 25.17
N ARG B 247 -29.85 8.57 25.62
CA ARG B 247 -29.82 9.48 26.75
C ARG B 247 -29.28 8.78 27.99
N ASP B 248 -29.99 7.75 28.47
CA ASP B 248 -29.55 7.01 29.64
C ASP B 248 -28.28 6.22 29.39
N ASP B 249 -27.69 6.29 28.20
CA ASP B 249 -26.49 5.51 27.93
C ASP B 249 -25.36 5.97 28.84
N THR B 250 -24.64 4.99 29.38
CA THR B 250 -23.60 5.22 30.38
C THR B 250 -22.39 4.37 30.09
N ARG B 251 -22.03 4.26 28.81
CA ARG B 251 -20.91 3.41 28.42
C ARG B 251 -19.88 4.11 27.53
N GLY B 252 -20.07 5.39 27.21
CA GLY B 252 -18.99 6.17 26.61
C GLY B 252 -18.69 5.80 25.16
N GLU B 253 -17.43 6.01 24.79
CA GLU B 253 -17.03 5.90 23.41
C GLU B 253 -16.83 4.45 22.96
N ILE B 254 -16.68 3.51 23.88
CA ILE B 254 -16.48 2.11 23.56
C ILE B 254 -17.47 1.28 24.35
N VAL B 255 -17.89 0.15 23.78
CA VAL B 255 -18.93 -0.66 24.40
C VAL B 255 -18.56 -2.14 24.34
N ARG B 256 -19.08 -2.91 25.31
CA ARG B 256 -18.98 -4.37 25.27
C ARG B 256 -20.03 -4.91 24.31
N ALA B 257 -19.61 -5.79 23.41
CA ALA B 257 -20.52 -6.34 22.41
C ALA B 257 -21.06 -7.69 22.89
N GLU B 258 -21.93 -7.63 23.89
CA GLU B 258 -22.55 -8.84 24.46
C GLU B 258 -23.52 -9.44 23.44
N ASN B 259 -23.28 -10.72 23.13
CA ASN B 259 -23.69 -11.44 21.95
C ASN B 259 -22.71 -11.16 20.82
N GLY B 260 -21.48 -10.81 21.17
CA GLY B 260 -20.45 -10.68 20.14
C GLY B 260 -20.75 -9.55 19.18
N LEU B 261 -20.27 -9.70 17.95
CA LEU B 261 -20.52 -8.74 16.89
C LEU B 261 -20.05 -9.29 15.56
N GLN B 262 -20.95 -9.89 14.79
CA GLN B 262 -20.59 -10.36 13.46
C GLN B 262 -20.83 -9.25 12.45
N VAL B 263 -19.86 -9.04 11.60
CA VAL B 263 -20.04 -8.18 10.45
C VAL B 263 -19.67 -8.99 9.24
N LEU B 264 -20.28 -8.68 8.11
CA LEU B 264 -20.12 -9.54 6.94
C LEU B 264 -18.67 -9.50 6.49
N ARG B 265 -17.90 -10.48 6.95
CA ARG B 265 -16.56 -10.76 6.47
C ARG B 265 -16.55 -12.09 5.73
N PRO B 266 -15.62 -12.29 4.80
CA PRO B 266 -15.70 -13.48 3.95
C PRO B 266 -14.95 -14.68 4.49
N SER B 267 -13.81 -14.99 3.88
CA SER B 267 -12.98 -16.14 4.22
C SER B 267 -13.76 -17.44 3.99
N GLY B 282 -17.90 1.66 -12.82
CA GLY B 282 -18.35 2.11 -11.53
C GLY B 282 -17.36 3.10 -11.00
N PHE B 283 -17.84 4.30 -10.67
CA PHE B 283 -16.96 5.37 -10.23
C PHE B 283 -16.28 5.06 -8.91
N GLU B 284 -16.75 4.08 -8.17
CA GLU B 284 -16.22 3.84 -6.85
C GLU B 284 -14.99 2.98 -6.88
N GLU B 285 -14.69 2.38 -8.03
CA GLU B 285 -13.44 1.63 -8.14
C GLU B 285 -12.23 2.52 -7.93
N THR B 286 -12.42 3.84 -7.91
CA THR B 286 -11.31 4.76 -7.78
C THR B 286 -11.43 5.58 -6.51
N TYR B 287 -12.29 6.58 -6.54
CA TYR B 287 -12.35 7.50 -5.41
C TYR B 287 -12.86 6.80 -4.16
N CYS B 288 -13.72 5.80 -4.31
CA CYS B 288 -14.25 5.14 -3.12
C CYS B 288 -13.30 4.08 -2.58
N SER B 289 -12.59 3.40 -3.45
CA SER B 289 -11.65 2.36 -3.03
C SER B 289 -10.21 2.86 -3.11
N MET B 290 -9.84 3.74 -2.19
CA MET B 290 -8.45 4.14 -2.03
C MET B 290 -7.96 3.69 -0.66
N LYS B 291 -6.73 3.21 -0.60
CA LYS B 291 -6.34 2.46 0.56
C LYS B 291 -6.29 3.39 1.76
N ILE B 292 -6.46 2.81 2.96
CA ILE B 292 -6.69 3.61 4.17
C ILE B 292 -5.75 3.25 5.31
N LYS B 293 -5.12 2.08 5.30
CA LYS B 293 -4.17 1.77 6.34
C LYS B 293 -2.98 1.11 5.70
N GLN B 294 -1.84 1.23 6.36
CA GLN B 294 -0.67 0.49 5.90
C GLN B 294 0.00 -0.12 7.11
N ASN B 295 0.53 -1.33 6.94
CA ASN B 295 1.27 -1.98 8.01
C ASN B 295 2.72 -1.57 7.93
N ILE B 296 3.15 -0.77 8.88
CA ILE B 296 4.44 -0.10 8.81
C ILE B 296 5.41 -0.86 9.69
N GLY B 297 4.88 -1.57 10.69
CA GLY B 297 5.70 -2.31 11.63
C GLY B 297 6.40 -3.51 11.06
N ASP B 298 5.96 -3.98 9.90
CA ASP B 298 6.56 -5.12 9.23
C ASP B 298 8.03 -4.89 8.97
N PRO B 299 8.93 -5.44 9.78
CA PRO B 299 10.35 -5.23 9.50
C PRO B 299 10.73 -5.71 8.12
N ARG B 300 9.93 -6.59 7.54
CA ARG B 300 10.10 -6.91 6.14
C ARG B 300 9.67 -5.76 5.24
N ARG B 301 9.33 -4.61 5.82
CA ARG B 301 8.99 -3.42 5.05
C ARG B 301 9.94 -2.25 5.26
N ALA B 302 10.99 -2.41 6.06
CA ALA B 302 11.82 -1.29 6.48
C ALA B 302 12.38 -0.53 5.30
N ASP B 303 12.61 0.76 5.49
CA ASP B 303 13.24 1.57 4.46
C ASP B 303 14.76 1.54 4.61
N VAL B 304 15.25 1.77 5.82
CA VAL B 304 16.66 1.68 6.14
C VAL B 304 16.86 0.54 7.12
N PHE B 305 18.09 0.01 7.17
CA PHE B 305 18.39 -1.14 7.99
C PHE B 305 19.87 -1.42 8.10
N ASN B 306 20.43 -1.36 9.31
CA ASN B 306 21.77 -1.84 9.68
C ASN B 306 21.65 -3.08 10.54
N PRO B 307 22.35 -4.18 10.22
CA PRO B 307 22.25 -5.39 11.05
C PRO B 307 23.03 -5.34 12.35
N ARG B 308 23.54 -4.19 12.77
CA ARG B 308 24.26 -4.12 14.03
C ARG B 308 24.25 -2.70 14.62
N GLY B 309 23.10 -2.01 14.65
CA GLY B 309 21.78 -2.47 14.24
C GLY B 309 20.65 -1.45 14.29
N GLY B 310 19.69 -1.56 13.37
CA GLY B 310 18.52 -0.70 13.42
C GLY B 310 17.69 -0.88 12.18
N ARG B 311 16.58 -0.13 12.14
CA ARG B 311 15.75 -0.06 10.93
C ARG B 311 14.81 1.14 11.02
N ILE B 312 14.43 1.64 9.84
CA ILE B 312 13.42 2.69 9.72
C ILE B 312 12.57 2.40 8.49
N THR B 313 11.33 2.87 8.53
CA THR B 313 10.45 2.92 7.38
C THR B 313 9.64 4.19 7.44
N THR B 314 9.28 4.71 6.27
CA THR B 314 8.54 5.95 6.15
C THR B 314 7.19 5.65 5.54
N LEU B 315 6.13 6.15 6.15
CA LEU B 315 4.81 6.02 5.56
C LEU B 315 4.36 7.40 5.11
N ASN B 316 4.03 7.52 3.85
CA ASN B 316 3.68 8.81 3.29
C ASN B 316 3.01 8.60 1.95
N SER B 317 2.83 9.70 1.23
CA SER B 317 1.99 9.71 0.04
C SER B 317 2.57 8.88 -1.08
N GLU B 318 3.87 8.57 -1.03
CA GLU B 318 4.46 7.66 -2.00
C GLU B 318 4.12 6.22 -1.72
N LYS B 319 3.56 5.96 -0.56
CA LYS B 319 3.10 4.64 -0.22
C LYS B 319 1.63 4.60 0.07
N LEU B 320 1.06 5.68 0.58
CA LEU B 320 -0.38 5.73 0.83
C LEU B 320 -1.00 6.92 0.13
N PRO B 321 -1.77 6.71 -0.93
CA PRO B 321 -2.31 7.85 -1.68
C PRO B 321 -3.07 8.85 -0.82
N ILE B 322 -3.96 8.36 0.04
CA ILE B 322 -4.70 9.23 0.96
C ILE B 322 -3.78 10.20 1.65
N LEU B 323 -2.52 9.83 1.81
CA LEU B 323 -1.61 10.67 2.56
C LEU B 323 -1.17 11.88 1.78
N ARG B 324 -1.20 11.83 0.45
CA ARG B 324 -0.99 13.05 -0.32
C ARG B 324 -1.94 14.15 0.12
N PHE B 325 -3.00 13.79 0.84
CA PHE B 325 -4.06 14.70 1.19
C PHE B 325 -4.11 15.07 2.67
N ILE B 326 -3.71 14.16 3.56
CA ILE B 326 -3.87 14.39 5.00
C ILE B 326 -2.84 15.38 5.54
N GLN B 327 -1.77 15.66 4.80
CA GLN B 327 -0.74 16.56 5.29
C GLN B 327 -0.11 16.00 6.56
N MET B 328 0.25 14.73 6.50
CA MET B 328 0.86 14.00 7.60
C MET B 328 1.54 12.77 7.03
N SER B 329 2.52 12.27 7.77
CA SER B 329 3.27 11.09 7.35
C SER B 329 3.81 10.41 8.59
N ALA B 330 4.24 9.17 8.42
CA ALA B 330 4.56 8.33 9.56
C ALA B 330 5.93 7.72 9.40
N GLU B 331 6.63 7.57 10.52
CA GLU B 331 7.93 6.94 10.57
C GLU B 331 7.94 5.92 11.70
N ARG B 332 8.51 4.75 11.42
CA ARG B 332 8.69 3.69 12.40
C ARG B 332 10.17 3.38 12.49
N VAL B 333 10.79 3.84 13.58
CA VAL B 333 12.21 3.69 13.83
C VAL B 333 12.38 2.59 14.88
N VAL B 334 13.08 1.53 14.54
CA VAL B 334 13.41 0.51 15.53
C VAL B 334 14.93 0.38 15.56
N LEU B 335 15.50 0.56 16.75
CA LEU B 335 16.94 0.53 16.97
C LEU B 335 17.29 -0.57 17.96
N TYR B 336 18.48 -1.12 17.82
CA TYR B 336 18.82 -2.28 18.62
C TYR B 336 19.58 -1.90 19.88
N ARG B 337 20.57 -2.72 20.20
CA ARG B 337 21.49 -2.43 21.29
C ARG B 337 22.42 -1.31 20.88
N ASN B 338 22.40 -0.22 21.63
CA ASN B 338 23.30 0.91 21.43
C ASN B 338 23.22 1.51 20.02
N ALA B 339 22.10 1.35 19.34
CA ALA B 339 21.93 2.01 18.05
C ALA B 339 21.73 3.50 18.26
N MET B 340 22.26 4.31 17.35
CA MET B 340 22.03 5.74 17.31
C MET B 340 21.62 6.12 15.90
N VAL B 341 20.62 6.99 15.78
CA VAL B 341 20.17 7.44 14.48
C VAL B 341 21.00 8.63 14.06
N SER B 342 21.38 8.66 12.78
CA SER B 342 22.12 9.79 12.25
C SER B 342 21.38 11.07 12.59
N PRO B 343 21.98 11.96 13.35
CA PRO B 343 21.33 13.24 13.71
C PRO B 343 20.88 14.00 12.48
N HIS B 344 20.07 15.01 12.74
CA HIS B 344 19.14 15.48 11.73
C HIS B 344 18.28 16.56 12.36
N TRP B 345 17.54 17.25 11.53
CA TRP B 345 16.39 18.01 11.99
C TRP B 345 15.32 17.84 10.94
N ASN B 346 14.08 17.97 11.35
CA ASN B 346 13.00 17.84 10.39
C ASN B 346 12.91 19.11 9.59
N ILE B 347 13.13 18.99 8.28
CA ILE B 347 13.04 20.15 7.41
C ILE B 347 11.65 20.73 7.44
N ASN B 348 10.64 19.90 7.17
CA ASN B 348 9.32 20.35 6.78
C ASN B 348 8.22 19.86 7.70
N ALA B 349 8.51 19.58 8.96
CA ALA B 349 7.47 19.14 9.86
C ALA B 349 8.01 19.17 11.27
N HIS B 350 7.10 19.02 12.23
CA HIS B 350 7.48 18.63 13.56
C HIS B 350 7.60 17.10 13.60
N SER B 351 8.01 16.53 14.72
CA SER B 351 8.02 15.08 14.83
C SER B 351 7.49 14.71 16.20
N ILE B 352 6.59 13.74 16.24
CA ILE B 352 5.85 13.45 17.44
C ILE B 352 6.21 12.07 17.93
N MET B 353 7.16 12.00 18.84
CA MET B 353 7.80 10.74 19.17
C MET B 353 7.06 10.05 20.31
N TYR B 354 6.57 8.85 20.04
CA TYR B 354 5.97 8.00 21.06
C TYR B 354 6.71 6.67 21.12
N CYS B 355 7.15 6.30 22.32
CA CYS B 355 7.92 5.07 22.50
C CYS B 355 6.99 3.90 22.76
N THR B 356 7.03 2.92 21.88
CA THR B 356 6.30 1.69 22.05
C THR B 356 7.11 0.64 22.80
N GLY B 357 8.32 0.97 23.21
CA GLY B 357 9.15 -0.03 23.83
C GLY B 357 10.60 0.32 23.72
N GLY B 358 11.39 -0.36 24.55
CA GLY B 358 12.81 -0.10 24.62
C GLY B 358 13.05 1.19 25.36
N ARG B 359 14.31 1.51 25.61
CA ARG B 359 14.59 2.75 26.32
C ARG B 359 15.79 3.43 25.72
N GLY B 360 15.79 4.76 25.80
CA GLY B 360 16.88 5.52 25.23
C GLY B 360 16.88 6.96 25.67
N ARG B 361 18.06 7.56 25.72
CA ARG B 361 18.14 8.98 25.99
C ARG B 361 17.90 9.74 24.70
N VAL B 362 17.20 10.86 24.80
CA VAL B 362 17.01 11.74 23.66
C VAL B 362 17.54 13.11 24.01
N GLU B 363 18.32 13.68 23.11
CA GLU B 363 18.93 14.98 23.30
C GLU B 363 18.51 15.88 22.15
N VAL B 364 18.07 17.09 22.49
CA VAL B 364 17.42 18.00 21.56
C VAL B 364 17.83 19.42 21.92
N ALA B 365 18.21 20.21 20.92
CA ALA B 365 18.60 21.59 21.14
C ALA B 365 17.90 22.51 20.15
N ASP B 366 17.68 23.76 20.57
CA ASP B 366 16.91 24.72 19.80
C ASP B 366 17.83 25.54 18.93
N ASP B 367 17.26 26.57 18.30
CA ASP B 367 18.06 27.50 17.53
C ASP B 367 19.07 28.22 18.40
N ARG B 368 18.73 28.46 19.68
CA ARG B 368 19.66 29.12 20.58
C ARG B 368 20.95 28.33 20.75
N GLY B 369 20.99 27.08 20.32
CA GLY B 369 22.09 26.20 20.57
C GLY B 369 21.96 25.55 21.91
N GLU B 370 21.39 26.28 22.87
CA GLU B 370 21.23 25.75 24.21
C GLU B 370 20.34 24.51 24.18
N THR B 371 20.54 23.63 25.16
CA THR B 371 19.85 22.36 25.21
C THR B 371 18.50 22.57 25.87
N VAL B 372 17.45 22.05 25.24
CA VAL B 372 16.08 22.18 25.75
C VAL B 372 15.63 20.84 26.25
N PHE B 373 16.15 19.80 25.64
CA PHE B 373 15.79 18.47 26.05
C PHE B 373 17.01 17.58 26.13
N ASP B 374 16.88 16.53 26.93
CA ASP B 374 17.95 15.61 27.30
C ASP B 374 17.36 14.67 28.34
N GLY B 375 17.05 13.45 27.96
CA GLY B 375 16.43 12.56 28.91
C GLY B 375 16.18 11.20 28.31
N GLU B 376 15.96 10.24 29.19
CA GLU B 376 15.72 8.86 28.79
C GLU B 376 14.27 8.70 28.45
N LEU B 377 13.98 8.04 27.34
CA LEU B 377 12.62 7.72 26.96
C LEU B 377 12.40 6.22 27.01
N ARG B 378 11.28 5.82 27.56
CA ARG B 378 10.95 4.43 27.79
C ARG B 378 9.61 4.12 27.16
N GLN B 379 9.22 2.85 27.23
CA GLN B 379 7.98 2.39 26.64
C GLN B 379 6.80 3.16 27.19
N GLY B 380 5.89 3.53 26.30
CA GLY B 380 4.68 4.21 26.70
C GLY B 380 4.80 5.71 26.84
N GLN B 381 5.80 6.32 26.25
CA GLN B 381 6.08 7.71 26.53
C GLN B 381 6.12 8.54 25.27
N LEU B 382 5.72 9.80 25.41
CA LEU B 382 5.57 10.74 24.32
C LEU B 382 6.61 11.84 24.42
N LEU B 383 7.32 12.07 23.33
CA LEU B 383 8.10 13.29 23.15
C LEU B 383 7.66 13.97 21.87
N ILE B 384 7.39 15.26 21.96
CA ILE B 384 7.19 16.10 20.79
C ILE B 384 8.53 16.69 20.42
N VAL B 385 8.98 16.42 19.20
CA VAL B 385 10.20 17.02 18.71
C VAL B 385 9.88 17.83 17.45
N PRO B 386 10.08 19.14 17.47
CA PRO B 386 9.57 20.01 16.41
C PRO B 386 10.41 20.12 15.16
N GLN B 387 10.17 21.20 14.45
CA GLN B 387 10.72 21.50 13.15
C GLN B 387 12.06 22.18 13.31
N ASN B 388 12.99 21.90 12.38
CA ASN B 388 14.30 22.54 12.33
C ASN B 388 15.17 22.23 13.55
N PHE B 389 14.58 22.04 14.72
CA PHE B 389 15.36 21.69 15.90
C PHE B 389 16.13 20.39 15.69
N ALA B 390 17.19 20.20 16.48
CA ALA B 390 18.17 19.14 16.25
C ALA B 390 18.06 18.06 17.34
N MET B 391 18.09 16.81 16.91
CA MET B 391 17.72 15.68 17.76
C MET B 391 18.76 14.58 17.68
N LEU B 392 18.90 13.87 18.79
CA LEU B 392 19.85 12.77 18.83
C LEU B 392 19.36 11.72 19.82
N GLU B 393 19.50 10.45 19.46
CA GLU B 393 19.02 9.42 20.34
C GLU B 393 19.85 8.16 20.18
N ARG B 394 20.00 7.43 21.28
CA ARG B 394 20.49 6.07 21.25
C ARG B 394 19.68 5.24 22.24
N ALA B 395 19.49 3.98 21.89
CA ALA B 395 18.78 3.03 22.74
C ALA B 395 19.65 2.58 23.91
N GLY B 396 18.98 2.20 25.00
CA GLY B 396 19.66 1.56 26.11
C GLY B 396 20.02 0.13 25.75
N SER B 397 20.33 -0.66 26.78
CA SER B 397 20.65 -2.06 26.52
C SER B 397 19.42 -2.89 26.17
N ALA B 398 18.21 -2.35 26.33
CA ALA B 398 16.99 -3.10 26.04
C ALA B 398 16.36 -2.77 24.70
N GLY B 399 16.72 -1.64 24.10
CA GLY B 399 16.24 -1.27 22.78
C GLY B 399 15.55 0.09 22.80
N PHE B 400 14.99 0.43 21.64
CA PHE B 400 14.23 1.67 21.50
C PHE B 400 13.29 1.51 20.30
N GLN B 401 12.06 1.09 20.58
CA GLN B 401 11.02 0.92 19.57
C GLN B 401 9.99 2.02 19.75
N LEU B 402 9.66 2.72 18.66
CA LEU B 402 8.90 3.96 18.72
C LEU B 402 8.15 4.17 17.41
N VAL B 403 7.49 5.32 17.30
CA VAL B 403 6.70 5.65 16.11
C VAL B 403 6.63 7.16 15.89
N SER B 404 7.20 7.64 14.79
CA SER B 404 7.27 9.07 14.54
C SER B 404 6.12 9.49 13.64
N ILE B 405 5.27 10.38 14.13
CA ILE B 405 4.23 11.01 13.34
C ILE B 405 4.61 12.47 13.14
N LYS B 406 4.46 12.95 11.92
CA LYS B 406 4.88 14.29 11.57
C LYS B 406 3.79 14.96 10.74
N THR B 407 3.91 16.28 10.61
CA THR B 407 2.80 17.09 10.10
C THR B 407 3.00 17.51 8.65
N SER B 408 3.32 16.59 7.75
CA SER B 408 3.35 16.93 6.34
C SER B 408 3.30 15.67 5.52
N ASP B 409 2.66 15.76 4.35
CA ASP B 409 2.39 14.61 3.52
C ASP B 409 3.64 13.81 3.20
N ARG B 410 4.81 14.47 3.17
CA ARG B 410 6.11 13.81 3.05
C ARG B 410 7.11 14.60 3.89
N ALA B 411 7.03 14.45 5.20
CA ALA B 411 7.98 15.12 6.08
C ALA B 411 9.40 14.61 5.82
N MET B 412 10.39 15.45 6.12
CA MET B 412 11.75 15.17 5.74
C MET B 412 12.69 15.62 6.83
N VAL B 413 13.80 14.91 6.97
CA VAL B 413 14.86 15.27 7.89
C VAL B 413 16.13 15.48 7.06
N SER B 414 17.04 16.31 7.57
CA SER B 414 18.33 16.51 6.93
C SER B 414 19.42 16.00 7.85
N THR B 415 20.05 14.90 7.48
CA THR B 415 21.02 14.36 8.38
C THR B 415 22.37 14.99 8.16
N SER B 421 25.67 13.37 6.75
CA SER B 421 25.32 13.65 5.37
C SER B 421 24.61 14.99 5.25
N ALA B 422 24.67 15.80 6.29
CA ALA B 422 24.46 17.24 6.11
C ALA B 422 25.79 17.96 5.95
N LEU B 423 26.80 17.53 6.68
CA LEU B 423 28.13 18.10 6.54
C LEU B 423 28.95 17.36 5.51
N ARG B 424 28.60 16.12 5.21
CA ARG B 424 29.38 15.38 4.23
C ARG B 424 29.29 16.05 2.87
N GLY B 425 28.57 17.17 2.77
CA GLY B 425 28.36 17.82 1.49
C GLY B 425 28.91 19.23 1.35
N MET B 426 29.33 19.82 2.45
CA MET B 426 30.06 21.05 2.34
C MET B 426 31.47 20.76 1.84
N PRO B 427 32.13 21.74 1.26
CA PRO B 427 33.55 21.62 0.99
C PRO B 427 34.32 21.67 2.30
N VAL B 428 35.43 20.95 2.32
CA VAL B 428 36.08 20.68 3.60
C VAL B 428 36.59 21.97 4.24
N GLU B 429 37.23 22.85 3.46
CA GLU B 429 37.77 24.07 4.04
C GLU B 429 36.66 24.89 4.70
N VAL B 430 35.45 24.84 4.15
CA VAL B 430 34.29 25.45 4.80
C VAL B 430 34.17 24.94 6.22
N LEU B 431 34.14 23.62 6.37
CA LEU B 431 34.21 23.01 7.69
C LEU B 431 35.42 23.53 8.45
N MET B 432 36.60 23.47 7.82
CA MET B 432 37.81 23.92 8.49
C MET B 432 37.65 25.32 9.04
N ASN B 433 37.41 26.27 8.16
CA ASN B 433 37.36 27.64 8.58
C ASN B 433 36.18 27.89 9.50
N SER B 434 35.06 27.21 9.27
CA SER B 434 33.93 27.42 10.16
C SER B 434 34.15 26.84 11.54
N TYR B 435 35.14 25.97 11.72
CA TYR B 435 35.42 25.46 13.05
C TYR B 435 36.82 25.75 13.54
N ARG B 436 37.74 26.13 12.66
CA ARG B 436 39.17 26.29 12.94
C ARG B 436 39.84 24.92 13.08
N LEU B 437 39.62 24.06 12.08
CA LEU B 437 40.16 22.72 12.04
C LEU B 437 41.22 22.61 10.97
N SER B 438 42.24 21.80 11.25
CA SER B 438 43.12 21.42 10.17
C SER B 438 42.33 20.56 9.18
N ARG B 439 43.02 20.08 8.15
CA ARG B 439 42.36 19.18 7.21
C ARG B 439 41.94 17.90 7.90
N ASP B 440 42.86 17.24 8.57
CA ASP B 440 42.59 15.89 9.03
C ASP B 440 41.33 15.84 9.86
N GLU B 441 41.20 16.77 10.79
CA GLU B 441 39.97 16.76 11.57
C GLU B 441 38.77 17.05 10.69
N ALA B 442 38.92 17.90 9.68
CA ALA B 442 37.82 18.09 8.76
C ALA B 442 37.47 16.79 8.07
N ARG B 443 38.49 16.08 7.57
CA ARG B 443 38.24 14.85 6.82
C ARG B 443 37.77 13.73 7.75
N ARG B 444 38.35 13.64 8.94
CA ARG B 444 37.84 12.67 9.90
C ARG B 444 36.38 12.91 10.17
N VAL B 445 35.98 14.18 10.29
CA VAL B 445 34.57 14.50 10.52
C VAL B 445 33.71 13.99 9.39
N LYS B 446 34.15 14.21 8.16
CA LYS B 446 33.31 13.89 7.03
C LYS B 446 33.25 12.40 6.74
N LEU B 447 34.20 11.62 7.24
CA LEU B 447 34.42 10.28 6.71
C LEU B 447 34.16 9.17 7.72
N THR B 448 33.48 9.45 8.82
CA THR B 448 33.09 8.37 9.72
C THR B 448 31.58 8.38 9.99
#